data_8AB0
#
_entry.id   8AB0
#
_cell.length_a   1.00
_cell.length_b   1.00
_cell.length_c   1.00
_cell.angle_alpha   90.00
_cell.angle_beta   90.00
_cell.angle_gamma   90.00
#
_symmetry.space_group_name_H-M   'P 1'
#
loop_
_entity.id
_entity.type
_entity.pdbx_description
1 polymer 'Recombination protein RecR'
2 polymer 'DNA repair protein RecO'
3 polymer Oligo1
4 polymer Oligo2
5 non-polymer 'ZINC ION'
#
loop_
_entity_poly.entity_id
_entity_poly.type
_entity_poly.pdbx_seq_one_letter_code
_entity_poly.pdbx_strand_id
1 'polypeptide(L)'
;SMRYPESLLKLTRALSRLPGIGPKTAQRLALHLAFHKEEAEALAEALEGIKRVRACRECGNLAEGELCPICQDEDRDRSL
LAVVESVADLYALERSGEFRGLYHVLGGALNPLEGIGPKELNLEGLFRRLEGVEEVVLATSMTVEGEATALYLAEELKKR
GVRVTRPAYGLPVGGSLEYADEVTLGRALEGRRPV
;
C,D,E,F
2 'polypeptide(L)'
;SMAPAYTGKVERYRLEEGIVVGRKPLPQGDLLLRLVTPRGSLEAVVRKGQRPTGRTGRLSLFHHVRFQLYAKGEGLPTLT
QAELLGRLHGLEAPRRFLLAAFLAELAYRLASPEAAPRIYPLLVSGLRGIAKHEDPLLPLVWAGWRVAKAGGIGPNLEGE
GLRLKRGRLGEEGVYLGREGVEALKATLRLPGAQALPHLEGAPLNRLFLALKAHAEEALGPLRSAEAIGV
;
G
3 'polydeoxyribonucleotide'
;(DG)(DG)(DC)(DC)(DA)(DG)(DA)(DT)(DC)(DT)(DG)(DC)(DC)(DG)(DC)(DG)(DG)(DA)(DT)(DC)
(DC)(DG)(DC)(DG)(DC)
;
X
4 'polydeoxyribonucleotide'
;(DG)(DC)(DG)(DC)(DG)(DG)(DA)(DT)(DC)(DC)(DG)(DC)(DG)(DG)(DC)(DA)(DG)(DA)(DT)(DC)
(DT)(DG)(DG)(DC)(DC)(DT)(DG)(DA)(DT)(DT)(DG)(DC)(DG)(DG)(DT)(DA)(DC)(DA)(DG)(DA)
;
Y
#
loop_
_chem_comp.id
_chem_comp.type
_chem_comp.name
_chem_comp.formula
DA DNA linking 2'-DEOXYADENOSINE-5'-MONOPHOSPHATE 'C10 H14 N5 O6 P'
DC DNA linking 2'-DEOXYCYTIDINE-5'-MONOPHOSPHATE 'C9 H14 N3 O7 P'
DG DNA linking 2'-DEOXYGUANOSINE-5'-MONOPHOSPHATE 'C10 H14 N5 O7 P'
DT DNA linking THYMIDINE-5'-MONOPHOSPHATE 'C10 H15 N2 O8 P'
ZN non-polymer 'ZINC ION' 'Zn 2'
#
# COMPACT_ATOMS: atom_id res chain seq x y z
N PRO A 5 25.94 -0.44 -6.69
CA PRO A 5 27.21 -0.50 -7.42
C PRO A 5 27.04 -0.19 -8.90
N GLU A 6 28.02 0.52 -9.47
CA GLU A 6 27.84 1.08 -10.81
C GLU A 6 27.83 -0.01 -11.87
N SER A 7 28.82 -0.90 -11.82
CA SER A 7 28.88 -2.02 -12.77
C SER A 7 27.68 -2.94 -12.63
N LEU A 8 27.20 -3.14 -11.41
CA LEU A 8 25.96 -3.90 -11.19
C LEU A 8 24.77 -3.25 -11.87
N LEU A 9 24.59 -1.94 -11.68
CA LEU A 9 23.47 -1.26 -12.31
C LEU A 9 23.60 -1.26 -13.84
N LYS A 10 24.81 -1.03 -14.35
CA LYS A 10 25.07 -1.12 -15.78
C LYS A 10 24.70 -2.50 -16.34
N LEU A 11 25.00 -3.56 -15.59
CA LEU A 11 24.64 -4.90 -16.03
C LEU A 11 23.13 -5.12 -15.98
N THR A 12 22.49 -4.79 -14.86
CA THR A 12 21.04 -4.92 -14.77
C THR A 12 20.34 -4.14 -15.88
N ARG A 13 20.86 -2.96 -16.23
CA ARG A 13 20.26 -2.15 -17.27
C ARG A 13 20.47 -2.76 -18.65
N ALA A 14 21.68 -3.28 -18.93
CA ALA A 14 21.90 -3.98 -20.19
C ALA A 14 21.01 -5.21 -20.32
N LEU A 15 20.90 -5.99 -19.25
CA LEU A 15 20.00 -7.14 -19.24
C LEU A 15 18.55 -6.71 -19.44
N SER A 16 18.18 -5.52 -18.96
CA SER A 16 16.81 -5.04 -19.14
C SER A 16 16.53 -4.62 -20.58
N ARG A 17 17.56 -4.28 -21.35
CA ARG A 17 17.40 -4.01 -22.77
C ARG A 17 16.96 -5.27 -23.52
N GLY A 22 12.10 -9.32 -16.54
CA GLY A 22 11.84 -8.29 -15.55
C GLY A 22 13.06 -7.91 -14.74
N PRO A 23 12.93 -6.86 -13.91
CA PRO A 23 14.10 -6.40 -13.15
C PRO A 23 14.62 -7.42 -12.15
N LYS A 24 13.75 -8.32 -11.67
CA LYS A 24 14.19 -9.31 -10.69
C LYS A 24 15.10 -10.35 -11.33
N THR A 25 14.77 -10.80 -12.54
CA THR A 25 15.67 -11.72 -13.24
C THR A 25 16.95 -11.00 -13.67
N ALA A 26 16.82 -9.78 -14.19
CA ALA A 26 18.01 -8.97 -14.51
C ALA A 26 18.95 -8.89 -13.31
N GLN A 27 18.40 -8.67 -12.12
CA GLN A 27 19.22 -8.58 -10.91
C GLN A 27 19.83 -9.93 -10.55
N ARG A 28 19.03 -10.99 -10.56
CA ARG A 28 19.55 -12.32 -10.25
C ARG A 28 20.70 -12.70 -11.18
N LEU A 29 20.56 -12.37 -12.47
CA LEU A 29 21.60 -12.71 -13.43
C LEU A 29 22.84 -11.84 -13.25
N ALA A 30 22.65 -10.54 -13.00
CA ALA A 30 23.79 -9.67 -12.75
C ALA A 30 24.58 -10.13 -11.52
N LEU A 31 23.87 -10.45 -10.44
CA LEU A 31 24.51 -11.00 -9.25
C LEU A 31 25.25 -12.30 -9.56
N HIS A 32 24.60 -13.22 -10.27
CA HIS A 32 25.24 -14.49 -10.61
C HIS A 32 26.52 -14.25 -11.41
N LEU A 33 26.47 -13.35 -12.39
CA LEU A 33 27.65 -13.08 -13.20
C LEU A 33 28.76 -12.44 -12.38
N ALA A 34 28.40 -11.53 -11.48
CA ALA A 34 29.38 -10.95 -10.57
C ALA A 34 30.03 -12.03 -9.70
N PHE A 35 29.24 -13.00 -9.25
CA PHE A 35 29.74 -14.10 -8.43
C PHE A 35 30.30 -15.26 -9.23
N HIS A 36 30.26 -15.18 -10.57
CA HIS A 36 30.88 -16.19 -11.43
C HIS A 36 31.70 -15.47 -12.51
N LYS A 37 32.93 -15.12 -12.15
CA LYS A 37 33.81 -14.39 -13.06
C LYS A 37 34.05 -15.18 -14.34
N GLU A 38 34.30 -16.48 -14.21
CA GLU A 38 34.58 -17.33 -15.38
C GLU A 38 33.41 -17.31 -16.37
N GLU A 39 32.20 -17.57 -15.88
CA GLU A 39 31.02 -17.57 -16.76
C GLU A 39 30.82 -16.20 -17.41
N ALA A 40 31.00 -15.12 -16.65
CA ALA A 40 30.82 -13.79 -17.23
C ALA A 40 31.86 -13.51 -18.31
N GLU A 41 33.11 -13.92 -18.08
CA GLU A 41 34.14 -13.79 -19.10
C GLU A 41 33.79 -14.59 -20.36
N ALA A 42 33.36 -15.84 -20.17
CA ALA A 42 32.93 -16.66 -21.30
C ALA A 42 31.78 -16.01 -22.08
N LEU A 43 30.86 -15.35 -21.36
CA LEU A 43 29.74 -14.68 -22.02
C LEU A 43 30.20 -13.44 -22.78
N ALA A 44 31.11 -12.65 -22.19
CA ALA A 44 31.70 -11.53 -22.93
C ALA A 44 32.46 -12.01 -24.17
N GLU A 45 33.15 -13.15 -24.05
CA GLU A 45 33.85 -13.71 -25.21
C GLU A 45 32.88 -14.13 -26.31
N ALA A 46 31.81 -14.83 -25.93
CA ALA A 46 30.80 -15.22 -26.91
C ALA A 46 30.11 -14.02 -27.54
N LEU A 47 29.89 -12.96 -26.76
CA LEU A 47 29.32 -11.73 -27.32
C LEU A 47 30.27 -11.06 -28.30
N GLU A 48 31.56 -10.97 -27.94
CA GLU A 48 32.57 -10.54 -28.90
C GLU A 48 32.63 -11.47 -30.10
N GLY A 49 32.61 -12.78 -29.85
CA GLY A 49 32.57 -13.77 -30.91
C GLY A 49 31.50 -13.53 -31.96
N PRO B 5 27.34 -20.39 -38.93
CA PRO B 5 26.43 -20.27 -37.78
C PRO B 5 26.91 -21.06 -36.56
N GLU B 6 28.05 -21.73 -36.71
CA GLU B 6 28.60 -22.50 -35.59
C GLU B 6 29.07 -21.61 -34.44
N SER B 7 29.34 -20.34 -34.70
CA SER B 7 29.78 -19.45 -33.63
C SER B 7 28.68 -19.24 -32.60
N LEU B 8 27.43 -19.08 -33.05
CA LEU B 8 26.33 -18.81 -32.14
C LEU B 8 26.03 -19.97 -31.20
N LEU B 9 26.54 -21.17 -31.50
CA LEU B 9 26.30 -22.32 -30.64
C LEU B 9 26.88 -22.10 -29.24
N LYS B 10 28.12 -21.60 -29.17
CA LYS B 10 28.74 -21.35 -27.87
C LYS B 10 27.98 -20.28 -27.09
N LEU B 11 27.53 -19.23 -27.78
CA LEU B 11 26.75 -18.19 -27.11
C LEU B 11 25.45 -18.76 -26.56
N THR B 12 24.76 -19.59 -27.36
CA THR B 12 23.52 -20.21 -26.89
C THR B 12 23.77 -21.10 -25.69
N ARG B 13 24.85 -21.88 -25.72
CA ARG B 13 25.19 -22.73 -24.57
C ARG B 13 25.48 -21.89 -23.33
N ALA B 14 26.22 -20.80 -23.50
CA ALA B 14 26.55 -19.94 -22.38
C ALA B 14 25.30 -19.33 -21.78
N LEU B 15 24.37 -18.87 -22.61
CA LEU B 15 23.17 -18.28 -22.04
C LEU B 15 22.24 -19.36 -21.49
N SER B 16 22.36 -20.59 -22.00
CA SER B 16 21.52 -21.68 -21.52
C SER B 16 21.95 -22.11 -20.13
N ARG B 17 23.25 -22.00 -19.83
CA ARG B 17 23.78 -22.55 -18.59
C ARG B 17 23.29 -21.77 -17.37
N LEU B 18 23.08 -20.47 -17.52
CA LEU B 18 22.65 -19.66 -16.39
C LEU B 18 21.23 -20.04 -15.97
N PRO B 19 20.92 -20.02 -14.68
CA PRO B 19 19.59 -20.43 -14.23
C PRO B 19 18.52 -19.43 -14.66
N GLY B 20 17.30 -19.93 -14.80
CA GLY B 20 16.16 -19.10 -15.09
C GLY B 20 15.83 -18.92 -16.56
N ILE B 21 16.65 -19.44 -17.46
CA ILE B 21 16.43 -19.33 -18.90
C ILE B 21 16.53 -20.71 -19.52
N GLY B 22 15.48 -21.11 -20.25
CA GLY B 22 15.48 -22.37 -20.94
C GLY B 22 16.22 -22.31 -22.24
N PRO B 23 16.45 -23.47 -22.85
CA PRO B 23 17.17 -23.51 -24.13
C PRO B 23 16.47 -22.73 -25.23
N LYS B 24 15.14 -22.77 -25.27
CA LYS B 24 14.43 -22.01 -26.29
C LYS B 24 14.42 -20.52 -25.98
N THR B 25 14.39 -20.14 -24.69
CA THR B 25 14.50 -18.73 -24.36
C THR B 25 15.88 -18.21 -24.75
N ALA B 26 16.92 -19.01 -24.53
CA ALA B 26 18.27 -18.63 -24.91
C ALA B 26 18.39 -18.49 -26.43
N GLN B 27 17.80 -19.43 -27.18
CA GLN B 27 17.82 -19.33 -28.64
C GLN B 27 17.07 -18.09 -29.12
N ARG B 28 15.93 -17.79 -28.51
CA ARG B 28 15.18 -16.60 -28.88
C ARG B 28 15.98 -15.34 -28.60
N LEU B 29 16.65 -15.29 -27.44
CA LEU B 29 17.48 -14.12 -27.11
C LEU B 29 18.63 -13.97 -28.10
N ALA B 30 19.28 -15.09 -28.45
CA ALA B 30 20.37 -15.04 -29.41
C ALA B 30 19.89 -14.56 -30.77
N LEU B 31 18.74 -15.05 -31.22
CA LEU B 31 18.20 -14.61 -32.51
C LEU B 31 17.84 -13.12 -32.47
N HIS B 32 17.23 -12.66 -31.38
CA HIS B 32 16.92 -11.24 -31.26
C HIS B 32 18.17 -10.38 -31.22
N LEU B 33 19.26 -10.91 -30.66
CA LEU B 33 20.52 -10.20 -30.62
C LEU B 33 21.33 -10.31 -31.91
N ALA B 34 20.95 -11.22 -32.81
CA ALA B 34 21.73 -11.41 -34.03
C ALA B 34 21.57 -10.25 -34.99
N PHE B 35 20.33 -9.79 -35.20
CA PHE B 35 20.06 -8.71 -36.12
C PHE B 35 19.89 -7.36 -35.44
N HIS B 36 20.21 -7.29 -34.15
CA HIS B 36 20.14 -6.02 -33.41
C HIS B 36 21.50 -5.67 -32.83
N LYS B 37 22.55 -5.75 -33.66
CA LYS B 37 23.91 -5.58 -33.19
C LYS B 37 24.14 -4.23 -32.51
N GLU B 38 23.26 -3.25 -32.73
CA GLU B 38 23.39 -1.95 -32.09
C GLU B 38 23.42 -2.10 -30.56
N GLU B 39 22.37 -2.66 -29.98
CA GLU B 39 22.37 -2.82 -28.54
C GLU B 39 23.23 -3.98 -28.08
N ALA B 40 23.60 -4.91 -28.97
CA ALA B 40 24.56 -5.93 -28.58
C ALA B 40 25.93 -5.32 -28.32
N GLU B 41 26.36 -4.43 -29.20
CA GLU B 41 27.58 -3.67 -28.99
C GLU B 41 27.45 -2.73 -27.80
N ALA B 42 26.28 -2.12 -27.61
CA ALA B 42 26.10 -1.27 -26.43
C ALA B 42 26.24 -2.07 -25.14
N LEU B 43 25.66 -3.27 -25.09
CA LEU B 43 25.79 -4.12 -23.92
C LEU B 43 27.23 -4.55 -23.71
N ALA B 44 27.93 -4.91 -24.80
CA ALA B 44 29.33 -5.29 -24.68
C ALA B 44 30.19 -4.15 -24.14
N GLU B 45 29.96 -2.92 -24.63
CA GLU B 45 30.73 -1.78 -24.13
C GLU B 45 30.26 -1.31 -22.77
N ALA B 46 29.08 -1.73 -22.32
CA ALA B 46 28.57 -1.36 -21.01
C ALA B 46 28.87 -2.39 -19.94
N LEU B 47 29.31 -3.60 -20.33
CA LEU B 47 29.61 -4.63 -19.34
C LEU B 47 30.70 -4.18 -18.38
N GLU B 48 31.78 -3.60 -18.92
CA GLU B 48 32.88 -3.14 -18.07
C GLU B 48 32.42 -2.04 -17.12
N GLY B 49 31.64 -1.08 -17.63
CA GLY B 49 31.13 0.01 -16.82
C GLY B 49 30.29 -0.42 -15.63
N ALA B 55 36.68 -14.19 -2.24
CA ALA B 55 36.31 -13.62 -0.96
C ALA B 55 37.44 -13.77 0.06
N CYS B 56 37.61 -12.75 0.91
CA CYS B 56 38.64 -12.80 1.93
C CYS B 56 38.32 -13.87 2.97
N ARG B 57 39.37 -14.59 3.39
CA ARG B 57 39.18 -15.65 4.37
C ARG B 57 38.70 -15.09 5.71
N GLU B 58 39.24 -13.93 6.11
CA GLU B 58 38.94 -13.38 7.42
C GLU B 58 37.47 -12.97 7.55
N CYS B 59 36.78 -12.73 6.44
CA CYS B 59 35.38 -12.33 6.47
C CYS B 59 34.47 -13.28 5.72
N GLY B 60 34.86 -13.72 4.53
CA GLY B 60 33.96 -14.34 3.59
C GLY B 60 33.28 -13.39 2.63
N ASN B 61 33.70 -12.13 2.58
CA ASN B 61 33.07 -11.13 1.74
C ASN B 61 33.85 -10.97 0.44
N LEU B 62 33.12 -10.88 -0.68
CA LEU B 62 33.76 -10.69 -1.97
C LEU B 62 34.07 -9.21 -2.17
N ALA B 63 35.30 -8.92 -2.60
CA ALA B 63 35.71 -7.56 -2.89
C ALA B 63 36.99 -7.58 -3.70
N GLU B 64 37.19 -6.52 -4.49
CA GLU B 64 38.43 -6.36 -5.24
C GLU B 64 39.60 -6.13 -4.28
N GLY B 65 40.63 -6.96 -4.42
CA GLY B 65 41.72 -6.98 -3.46
C GLY B 65 41.54 -8.05 -2.40
N GLU B 66 42.66 -8.43 -1.79
CA GLU B 66 42.65 -9.50 -0.80
C GLU B 66 41.82 -9.12 0.42
N LEU B 67 41.95 -7.88 0.88
CA LEU B 67 41.22 -7.39 2.06
C LEU B 67 39.96 -6.67 1.61
N CYS B 68 38.83 -7.03 2.20
CA CYS B 68 37.56 -6.40 1.87
C CYS B 68 37.45 -5.04 2.57
N PRO B 69 36.51 -4.21 2.14
CA PRO B 69 36.30 -2.93 2.83
C PRO B 69 35.91 -3.07 4.30
N ILE B 70 35.30 -4.20 4.68
CA ILE B 70 35.03 -4.45 6.09
C ILE B 70 36.33 -4.59 6.87
N CYS B 71 37.29 -5.34 6.32
CA CYS B 71 38.63 -5.35 6.89
C CYS B 71 39.32 -3.99 6.71
N GLN B 72 39.16 -3.37 5.55
CA GLN B 72 39.78 -2.08 5.28
C GLN B 72 39.04 -0.96 5.99
N ASP B 75 38.17 0.70 10.97
CA ASP B 75 36.92 1.35 11.37
C ASP B 75 35.88 0.31 11.79
N ARG B 76 36.31 -0.95 11.84
CA ARG B 76 35.43 -2.04 12.20
C ARG B 76 36.03 -2.82 13.37
N ASP B 77 35.18 -3.52 14.10
CA ASP B 77 35.56 -4.27 15.28
C ASP B 77 35.41 -5.76 15.02
N ARG B 78 36.32 -6.55 15.59
CA ARG B 78 36.24 -8.01 15.52
C ARG B 78 35.36 -8.60 16.60
N SER B 79 34.84 -7.78 17.53
CA SER B 79 34.00 -8.30 18.59
C SER B 79 32.71 -8.90 18.04
N LEU B 80 32.11 -8.26 17.04
CA LEU B 80 30.83 -8.67 16.49
C LEU B 80 31.07 -9.32 15.14
N LEU B 81 30.65 -10.58 15.01
CA LEU B 81 30.67 -11.29 13.74
C LEU B 81 29.29 -11.87 13.48
N ALA B 82 28.75 -11.59 12.29
CA ALA B 82 27.43 -12.07 11.90
C ALA B 82 27.56 -13.01 10.71
N VAL B 83 26.90 -14.17 10.81
CA VAL B 83 26.91 -15.16 9.74
C VAL B 83 25.72 -14.90 8.82
N VAL B 84 25.98 -14.83 7.53
CA VAL B 84 24.98 -14.47 6.53
C VAL B 84 24.82 -15.63 5.56
N GLU B 85 23.57 -15.89 5.17
CA GLU B 85 23.30 -17.02 4.27
C GLU B 85 23.72 -16.70 2.84
N SER B 86 23.44 -15.49 2.37
CA SER B 86 23.73 -15.12 0.99
C SER B 86 24.32 -13.72 0.96
N VAL B 87 25.10 -13.45 -0.09
CA VAL B 87 25.76 -12.15 -0.23
C VAL B 87 24.77 -11.05 -0.58
N ALA B 88 23.60 -11.41 -1.11
CA ALA B 88 22.55 -10.41 -1.29
C ALA B 88 22.13 -9.79 0.03
N ASP B 89 21.96 -10.63 1.07
CA ASP B 89 21.69 -10.10 2.40
C ASP B 89 22.84 -9.26 2.93
N LEU B 90 24.08 -9.63 2.58
CA LEU B 90 25.22 -8.82 2.98
C LEU B 90 25.16 -7.43 2.35
N TYR B 91 24.83 -7.37 1.06
CA TYR B 91 24.67 -6.08 0.39
C TYR B 91 23.53 -5.28 0.98
N ALA B 92 22.41 -5.95 1.30
CA ALA B 92 21.29 -5.27 1.92
C ALA B 92 21.66 -4.66 3.26
N LEU B 93 22.39 -5.42 4.09
CA LEU B 93 22.79 -4.90 5.39
C LEU B 93 23.87 -3.83 5.26
N GLU B 94 24.70 -3.90 4.21
CA GLU B 94 25.62 -2.80 3.93
C GLU B 94 24.87 -1.52 3.57
N ARG B 95 23.81 -1.65 2.76
CA ARG B 95 22.91 -0.53 2.54
C ARG B 95 22.17 -0.11 3.79
N SER B 96 22.07 -1.00 4.78
CA SER B 96 21.43 -0.66 6.05
C SER B 96 22.40 0.09 6.96
N GLY B 97 23.50 -0.55 7.34
CA GLY B 97 24.51 0.06 8.17
C GLY B 97 24.07 0.31 9.60
N GLU B 98 23.86 -0.77 10.35
CA GLU B 98 23.49 -0.68 11.75
C GLU B 98 24.44 -1.45 12.67
N PHE B 99 25.46 -2.09 12.12
CA PHE B 99 26.48 -2.79 12.90
C PHE B 99 27.85 -2.23 12.54
N ARG B 100 28.64 -1.90 13.57
CA ARG B 100 30.05 -1.60 13.37
C ARG B 100 30.93 -2.84 13.36
N GLY B 101 30.40 -4.00 13.73
CA GLY B 101 31.21 -5.19 13.78
C GLY B 101 31.55 -5.72 12.40
N LEU B 102 32.54 -6.61 12.38
CA LEU B 102 32.96 -7.22 11.13
C LEU B 102 31.89 -8.18 10.59
N TYR B 103 31.93 -8.40 9.29
CA TYR B 103 30.98 -9.30 8.63
C TYR B 103 31.72 -10.40 7.88
N LEU B 123 28.40 -22.18 10.25
CA LEU B 123 27.52 -23.33 10.41
C LEU B 123 28.31 -24.57 10.81
N GLU B 124 28.67 -25.39 9.82
CA GLU B 124 29.56 -26.51 10.08
C GLU B 124 30.94 -26.02 10.52
N GLY B 125 31.42 -24.93 9.93
CA GLY B 125 32.66 -24.31 10.33
C GLY B 125 32.54 -23.30 11.46
N LEU B 126 31.36 -23.16 12.07
CA LEU B 126 31.19 -22.19 13.14
C LEU B 126 31.92 -22.63 14.41
N PHE B 127 31.94 -23.94 14.67
CA PHE B 127 32.49 -24.43 15.93
C PHE B 127 33.99 -24.12 16.05
N ARG B 128 34.72 -24.28 14.95
CA ARG B 128 36.16 -24.00 14.93
C ARG B 128 36.46 -22.56 14.55
N ARG B 129 35.45 -21.72 14.41
CA ARG B 129 35.62 -20.27 14.42
C ARG B 129 35.13 -19.62 15.70
N LEU B 130 34.83 -20.42 16.73
CA LEU B 130 34.32 -19.86 17.98
C LEU B 130 35.39 -19.07 18.72
N GLU B 131 36.66 -19.39 18.50
CA GLU B 131 37.74 -18.69 19.17
C GLU B 131 37.78 -17.22 18.75
N GLY B 132 38.08 -16.35 19.71
CA GLY B 132 38.09 -14.92 19.45
C GLY B 132 36.73 -14.27 19.30
N VAL B 133 35.66 -15.00 19.57
CA VAL B 133 34.30 -14.48 19.44
C VAL B 133 33.63 -14.60 20.80
N GLU B 134 33.10 -13.48 21.31
CA GLU B 134 32.49 -13.43 22.63
C GLU B 134 30.98 -13.31 22.60
N GLU B 135 30.41 -12.76 21.52
CA GLU B 135 29.01 -12.92 21.20
C GLU B 135 28.87 -13.30 19.74
N VAL B 136 27.93 -14.20 19.45
CA VAL B 136 27.70 -14.69 18.10
C VAL B 136 26.42 -14.05 17.57
N VAL B 137 26.52 -13.42 16.40
CA VAL B 137 25.38 -12.77 15.75
C VAL B 137 24.88 -13.67 14.64
N LEU B 138 23.57 -13.89 14.60
CA LEU B 138 22.94 -14.79 13.64
C LEU B 138 22.12 -13.94 12.67
N ALA B 139 22.72 -13.62 11.52
CA ALA B 139 22.07 -12.83 10.48
C ALA B 139 21.44 -13.69 9.39
N THR B 140 21.43 -15.00 9.57
CA THR B 140 20.85 -15.90 8.58
C THR B 140 19.34 -15.68 8.48
N SER B 141 18.79 -15.99 7.31
CA SER B 141 17.35 -15.88 7.10
C SER B 141 16.62 -16.98 7.86
N MET B 142 15.30 -16.82 7.97
CA MET B 142 14.46 -17.73 8.72
C MET B 142 14.01 -18.94 7.90
N THR B 143 14.71 -19.24 6.81
CA THR B 143 14.35 -20.38 5.98
C THR B 143 14.50 -21.69 6.75
N VAL B 144 13.84 -22.73 6.24
CA VAL B 144 13.85 -24.02 6.92
C VAL B 144 15.27 -24.58 6.99
N GLU B 145 16.09 -24.30 5.97
CA GLU B 145 17.50 -24.66 6.05
C GLU B 145 18.19 -23.94 7.21
N GLY B 146 17.91 -22.66 7.39
CA GLY B 146 18.44 -21.94 8.54
C GLY B 146 17.94 -22.49 9.85
N GLU B 147 16.66 -22.90 9.89
CA GLU B 147 16.11 -23.52 11.08
C GLU B 147 16.87 -24.80 11.43
N ALA B 148 17.08 -25.67 10.43
CA ALA B 148 17.81 -26.92 10.68
C ALA B 148 19.25 -26.64 11.09
N THR B 149 19.89 -25.65 10.48
CA THR B 149 21.26 -25.30 10.86
C THR B 149 21.31 -24.81 12.30
N ALA B 150 20.36 -23.98 12.71
CA ALA B 150 20.31 -23.50 14.08
C ALA B 150 20.07 -24.65 15.06
N LEU B 151 19.18 -25.57 14.71
CA LEU B 151 18.94 -26.73 15.55
C LEU B 151 20.19 -27.59 15.69
N TYR B 152 20.92 -27.77 14.59
CA TYR B 152 22.17 -28.53 14.64
C TYR B 152 23.19 -27.83 15.52
N LEU B 153 23.32 -26.51 15.39
CA LEU B 153 24.30 -25.76 16.17
C LEU B 153 23.94 -25.67 17.65
N ALA B 154 22.72 -26.04 18.02
CA ALA B 154 22.31 -25.98 19.42
C ALA B 154 22.97 -27.08 20.23
N ARG B 163 28.44 -16.25 23.79
CA ARG B 163 27.04 -15.87 23.70
C ARG B 163 26.51 -16.03 22.29
N VAL B 164 25.23 -16.38 22.17
CA VAL B 164 24.55 -16.52 20.89
C VAL B 164 23.23 -15.76 20.96
N THR B 165 22.95 -14.98 19.91
CA THR B 165 21.74 -14.17 19.86
C THR B 165 21.05 -14.38 18.52
N ARG B 166 19.73 -14.22 18.53
CA ARG B 166 18.90 -14.40 17.34
C ARG B 166 17.82 -13.34 17.34
N PRO B 167 17.51 -12.76 16.18
CA PRO B 167 16.43 -11.76 16.12
C PRO B 167 15.08 -12.37 16.41
N ALA B 168 14.16 -11.51 16.84
CA ALA B 168 12.88 -11.94 17.39
C ALA B 168 11.86 -12.15 16.27
N TYR B 169 10.74 -12.76 16.63
CA TYR B 169 9.61 -12.96 15.73
C TYR B 169 8.50 -12.00 16.12
N GLY B 170 8.16 -11.09 15.21
CA GLY B 170 7.16 -10.08 15.51
C GLY B 170 6.54 -9.54 14.24
N LEU B 171 5.67 -8.54 14.42
CA LEU B 171 4.90 -7.98 13.33
C LEU B 171 5.66 -6.86 12.64
N PRO B 172 5.48 -6.70 11.32
CA PRO B 172 6.23 -5.67 10.59
C PRO B 172 5.65 -4.27 10.82
N VAL B 173 6.14 -3.30 10.07
CA VAL B 173 5.74 -1.90 10.22
C VAL B 173 4.90 -1.50 9.02
N GLY B 174 3.90 -0.66 9.26
CA GLY B 174 3.05 -0.16 8.19
C GLY B 174 2.10 -1.19 7.66
N GLY B 175 1.17 -0.77 6.79
CA GLY B 175 0.27 -1.70 6.14
C GLY B 175 -1.09 -1.78 6.81
N SER B 176 -1.60 -2.99 7.01
CA SER B 176 -2.92 -3.20 7.57
C SER B 176 -2.95 -4.54 8.29
N LEU B 177 -3.54 -4.55 9.49
CA LEU B 177 -3.59 -5.77 10.29
C LEU B 177 -4.37 -6.88 9.61
N GLU B 178 -5.28 -6.55 8.71
CA GLU B 178 -6.06 -7.56 8.01
C GLU B 178 -5.29 -8.21 6.87
N TYR B 179 -4.10 -7.72 6.54
CA TYR B 179 -3.27 -8.28 5.48
C TYR B 179 -2.12 -9.12 6.03
N ALA B 180 -2.36 -9.85 7.12
CA ALA B 180 -1.32 -10.62 7.79
C ALA B 180 -1.70 -12.11 7.77
N ASP B 181 -0.91 -12.90 8.49
CA ASP B 181 -1.11 -14.35 8.55
C ASP B 181 -1.32 -14.79 9.99
N GLU B 182 -1.97 -15.94 10.15
CA GLU B 182 -2.42 -16.37 11.47
C GLU B 182 -1.23 -16.71 12.37
N VAL B 183 -0.22 -17.40 11.83
CA VAL B 183 0.91 -17.82 12.65
C VAL B 183 1.65 -16.62 13.19
N THR B 184 1.79 -15.57 12.39
CA THR B 184 2.44 -14.35 12.86
C THR B 184 1.62 -13.70 13.97
N LEU B 185 0.29 -13.70 13.82
CA LEU B 185 -0.58 -13.17 14.88
C LEU B 185 -0.37 -13.94 16.18
N GLY B 186 -0.38 -15.27 16.09
CA GLY B 186 -0.22 -16.08 17.29
C GLY B 186 1.13 -15.87 17.96
N ARG B 187 2.20 -15.86 17.16
CA ARG B 187 3.53 -15.68 17.72
C ARG B 187 3.68 -14.29 18.34
N ALA B 188 3.08 -13.27 17.73
CA ALA B 188 3.14 -11.93 18.30
C ALA B 188 2.35 -11.85 19.60
N LEU B 189 1.20 -12.55 19.66
CA LEU B 189 0.42 -12.59 20.89
C LEU B 189 1.18 -13.31 22.00
N GLU B 190 1.88 -14.39 21.68
CA GLU B 190 2.66 -15.12 22.67
C GLU B 190 4.04 -14.54 22.87
N GLY B 191 4.61 -13.87 21.86
CA GLY B 191 5.81 -13.10 22.03
C GLY B 191 5.63 -11.70 22.56
N ARG B 192 4.44 -11.37 23.05
CA ARG B 192 4.17 -10.02 23.55
C ARG B 192 5.14 -9.66 24.68
N ARG B 193 5.79 -8.52 24.53
CA ARG B 193 6.83 -8.09 25.45
C ARG B 193 6.27 -7.09 26.46
N PRO B 194 6.90 -6.97 27.63
CA PRO B 194 6.49 -5.93 28.58
C PRO B 194 7.28 -4.65 28.39
N VAL B 195 6.55 -3.54 28.42
CA VAL B 195 7.15 -2.22 28.27
C VAL B 195 6.65 -1.28 29.36
N LYS C 10 -25.97 5.21 -10.19
CA LYS C 10 -26.18 4.70 -8.84
C LYS C 10 -25.79 3.22 -8.74
N LEU C 11 -26.10 2.46 -9.79
CA LEU C 11 -25.73 1.05 -9.82
C LEU C 11 -24.23 0.89 -10.06
N THR C 12 -23.69 1.61 -11.04
CA THR C 12 -22.27 1.49 -11.37
C THR C 12 -21.39 1.83 -10.17
N ARG C 13 -21.76 2.88 -9.42
CA ARG C 13 -20.93 3.29 -8.29
C ARG C 13 -21.04 2.29 -7.15
N ALA C 14 -22.24 1.78 -6.88
CA ALA C 14 -22.41 0.76 -5.85
C ALA C 14 -21.62 -0.49 -6.18
N LEU C 15 -21.69 -0.95 -7.43
CA LEU C 15 -20.91 -2.11 -7.85
C LEU C 15 -19.41 -1.84 -7.77
N SER C 16 -18.98 -0.62 -8.06
CA SER C 16 -17.56 -0.30 -7.98
C SER C 16 -17.08 -0.16 -6.53
N ARG C 17 -17.97 0.17 -5.60
CA ARG C 17 -17.60 0.22 -4.19
C ARG C 17 -17.24 -1.15 -3.64
N LEU C 18 -17.67 -2.23 -4.28
CA LEU C 18 -17.35 -3.56 -3.80
C LEU C 18 -15.86 -3.85 -4.03
N PRO C 19 -15.19 -4.49 -3.06
CA PRO C 19 -13.75 -4.77 -3.15
C PRO C 19 -13.42 -5.85 -4.17
N PRO C 23 -15.13 -4.54 -12.00
CA PRO C 23 -15.42 -3.85 -13.25
C PRO C 23 -16.31 -4.67 -14.18
N LYS C 24 -15.71 -5.60 -14.92
CA LYS C 24 -16.48 -6.43 -15.85
C LYS C 24 -17.34 -7.44 -15.10
N THR C 25 -16.80 -8.03 -14.03
CA THR C 25 -17.60 -8.94 -13.22
C THR C 25 -18.69 -8.19 -12.45
N ALA C 26 -18.34 -7.03 -11.88
CA ALA C 26 -19.35 -6.19 -11.24
C ALA C 26 -20.49 -5.87 -12.19
N GLN C 27 -20.17 -5.51 -13.43
CA GLN C 27 -21.20 -5.15 -14.40
C GLN C 27 -22.03 -6.37 -14.79
N ARG C 28 -21.37 -7.50 -15.08
CA ARG C 28 -22.11 -8.71 -15.43
C ARG C 28 -23.05 -9.12 -14.31
N LEU C 29 -22.60 -8.99 -13.05
CA LEU C 29 -23.44 -9.37 -11.93
C LEU C 29 -24.60 -8.40 -11.75
N ALA C 30 -24.36 -7.11 -11.94
CA ALA C 30 -25.44 -6.13 -11.88
C ALA C 30 -26.50 -6.42 -12.94
N LEU C 31 -26.04 -6.68 -14.17
CA LEU C 31 -26.95 -7.04 -15.26
C LEU C 31 -27.77 -8.29 -14.92
N HIS C 32 -27.09 -9.34 -14.42
CA HIS C 32 -27.81 -10.54 -14.02
C HIS C 32 -28.85 -10.24 -12.94
N LEU C 33 -28.50 -9.41 -11.96
CA LEU C 33 -29.43 -9.08 -10.89
C LEU C 33 -30.63 -8.33 -11.45
N ALA C 34 -30.40 -7.43 -12.41
CA ALA C 34 -31.48 -6.76 -13.12
C ALA C 34 -32.37 -7.77 -13.82
N PHE C 35 -31.78 -8.81 -14.40
CA PHE C 35 -32.52 -9.86 -15.09
C PHE C 35 -33.01 -10.96 -14.15
N HIS C 36 -32.67 -10.89 -12.87
CA HIS C 36 -33.09 -11.88 -11.88
C HIS C 36 -33.64 -11.14 -10.66
N LYS C 37 -34.93 -10.76 -10.74
CA LYS C 37 -35.54 -10.00 -9.66
C LYS C 37 -35.56 -10.78 -8.35
N GLU C 38 -35.86 -12.07 -8.43
CA GLU C 38 -36.02 -12.88 -7.21
C GLU C 38 -34.75 -12.86 -6.36
N GLU C 39 -33.59 -13.04 -7.01
CA GLU C 39 -32.32 -13.00 -6.28
C GLU C 39 -32.13 -11.64 -5.59
N ALA C 40 -32.50 -10.56 -6.28
CA ALA C 40 -32.37 -9.23 -5.68
C ALA C 40 -33.27 -9.06 -4.47
N GLU C 41 -34.51 -9.55 -4.56
CA GLU C 41 -35.41 -9.51 -3.41
C GLU C 41 -34.87 -10.35 -2.25
N ALA C 42 -34.37 -11.55 -2.54
CA ALA C 42 -33.77 -12.37 -1.50
C ALA C 42 -32.58 -11.67 -0.84
N LEU C 43 -31.79 -10.95 -1.64
CA LEU C 43 -30.65 -10.23 -1.09
C LEU C 43 -31.09 -9.06 -0.21
N ALA C 44 -32.13 -8.33 -0.63
CA ALA C 44 -32.69 -7.28 0.21
C ALA C 44 -33.26 -7.86 1.50
N GLU C 45 -33.88 -9.04 1.43
CA GLU C 45 -34.38 -9.69 2.63
C GLU C 45 -33.25 -10.07 3.58
N ALA C 46 -32.17 -10.65 3.04
CA ALA C 46 -31.02 -10.98 3.88
C ALA C 46 -30.38 -9.74 4.48
N LEU C 47 -30.37 -8.63 3.73
CA LEU C 47 -29.79 -7.39 4.24
C LEU C 47 -30.64 -6.82 5.38
N GLU C 48 -31.96 -6.82 5.22
CA GLU C 48 -32.83 -6.41 6.32
C GLU C 48 -32.65 -7.33 7.53
N GLY C 49 -32.59 -8.64 7.30
CA GLY C 49 -32.29 -9.57 8.37
C GLY C 49 -31.00 -9.23 9.11
N ILE C 50 -29.99 -8.79 8.37
CA ILE C 50 -28.71 -8.44 9.01
C ILE C 50 -28.84 -7.13 9.77
N LYS C 51 -29.70 -6.22 9.32
CA LYS C 51 -29.90 -4.93 9.97
C LYS C 51 -30.25 -5.07 11.45
N ALA C 55 -22.63 -4.36 17.34
CA ALA C 55 -21.48 -4.58 18.22
C ALA C 55 -21.95 -4.84 19.65
N CYS C 56 -21.29 -5.80 20.31
CA CYS C 56 -21.60 -6.08 21.71
C CYS C 56 -21.21 -4.92 22.60
N ARG C 57 -22.05 -4.65 23.61
CA ARG C 57 -21.81 -3.51 24.49
C ARG C 57 -20.45 -3.59 25.17
N GLU C 58 -19.96 -4.78 25.47
CA GLU C 58 -18.69 -4.96 26.17
C GLU C 58 -17.56 -5.44 25.27
N CYS C 59 -17.77 -6.54 24.54
CA CYS C 59 -16.73 -7.08 23.68
C CYS C 59 -16.61 -6.27 22.39
N GLY C 60 -17.73 -6.06 21.69
CA GLY C 60 -17.72 -5.38 20.41
C GLY C 60 -17.87 -6.28 19.21
N ASN C 61 -17.95 -7.60 19.41
CA ASN C 61 -18.12 -8.55 18.31
C ASN C 61 -19.61 -8.61 17.93
N LEU C 62 -19.96 -9.56 17.08
CA LEU C 62 -21.35 -9.74 16.70
C LEU C 62 -22.12 -10.42 17.84
N ALA C 63 -23.44 -10.26 17.81
CA ALA C 63 -24.28 -10.79 18.87
C ALA C 63 -25.73 -10.80 18.41
N GLU C 64 -26.47 -11.82 18.82
CA GLU C 64 -27.92 -11.85 18.66
C GLU C 64 -28.53 -10.94 19.71
N GLY C 65 -28.98 -9.77 19.29
CA GLY C 65 -29.54 -8.78 20.19
C GLY C 65 -28.50 -7.99 20.95
N GLU C 66 -28.51 -8.08 22.28
CA GLU C 66 -27.73 -7.16 23.10
C GLU C 66 -26.36 -7.72 23.45
N LEU C 67 -26.32 -8.85 24.15
CA LEU C 67 -25.07 -9.46 24.59
C LEU C 67 -24.77 -10.72 23.78
N CYS C 68 -23.49 -10.93 23.49
CA CYS C 68 -23.08 -12.12 22.77
C CYS C 68 -23.16 -13.35 23.68
N PRO C 69 -23.18 -14.55 23.09
CA PRO C 69 -23.24 -15.76 23.93
C PRO C 69 -22.08 -15.89 24.90
N ILE C 70 -20.92 -15.34 24.58
CA ILE C 70 -19.77 -15.42 25.48
C ILE C 70 -20.04 -14.59 26.74
N CYS C 71 -20.49 -13.35 26.58
CA CYS C 71 -20.75 -12.49 27.73
C CYS C 71 -21.87 -13.05 28.60
N GLN C 72 -22.89 -13.62 27.97
CA GLN C 72 -23.99 -14.24 28.71
C GLN C 72 -23.72 -15.72 28.98
N ARG C 78 -10.75 -12.84 32.15
CA ARG C 78 -11.11 -11.43 32.17
C ARG C 78 -10.02 -10.61 32.86
N SER C 79 -8.99 -11.29 33.36
CA SER C 79 -7.79 -10.59 33.81
C SER C 79 -7.02 -9.98 32.65
N LEU C 80 -7.16 -10.53 31.45
CA LEU C 80 -6.48 -10.03 30.27
C LEU C 80 -7.45 -9.18 29.44
N LEU C 81 -6.93 -8.10 28.87
CA LEU C 81 -7.70 -7.23 28.00
C LEU C 81 -6.85 -6.80 26.83
N ALA C 82 -7.44 -6.76 25.65
CA ALA C 82 -6.73 -6.44 24.41
C ALA C 82 -7.34 -5.18 23.80
N VAL C 83 -6.54 -4.12 23.72
CA VAL C 83 -6.95 -2.89 23.04
C VAL C 83 -6.78 -3.07 21.54
N VAL C 84 -7.78 -2.62 20.78
CA VAL C 84 -7.84 -2.89 19.35
C VAL C 84 -8.42 -1.67 18.64
N GLU C 85 -7.98 -1.46 17.40
CA GLU C 85 -8.35 -0.27 16.65
C GLU C 85 -9.74 -0.40 16.04
N SER C 86 -10.11 -1.59 15.58
CA SER C 86 -11.36 -1.79 14.87
C SER C 86 -11.88 -3.19 15.13
N VAL C 87 -13.14 -3.41 14.75
CA VAL C 87 -13.79 -4.70 14.98
C VAL C 87 -13.17 -5.78 14.11
N ALA C 88 -12.81 -5.43 12.87
CA ALA C 88 -12.10 -6.37 12.00
C ALA C 88 -10.85 -6.92 12.66
N ASP C 89 -10.09 -6.06 13.34
CA ASP C 89 -8.89 -6.52 14.05
C ASP C 89 -9.27 -7.47 15.19
N LEU C 90 -10.27 -7.09 15.98
CA LEU C 90 -10.79 -7.97 17.03
C LEU C 90 -11.09 -9.37 16.49
N TYR C 91 -11.85 -9.43 15.39
CA TYR C 91 -12.22 -10.71 14.81
C TYR C 91 -11.01 -11.48 14.30
N ALA C 92 -10.07 -10.79 13.65
CA ALA C 92 -8.82 -11.42 13.25
C ALA C 92 -8.12 -12.06 14.45
N LEU C 93 -7.96 -11.30 15.52
CA LEU C 93 -7.37 -11.81 16.76
C LEU C 93 -8.10 -13.05 17.26
N GLU C 94 -9.44 -13.01 17.26
CA GLU C 94 -10.19 -14.17 17.74
C GLU C 94 -10.00 -15.38 16.84
N ARG C 95 -9.92 -15.15 15.52
CA ARG C 95 -9.58 -16.22 14.58
C ARG C 95 -8.19 -16.79 14.87
N SER C 96 -7.27 -15.95 15.35
CA SER C 96 -5.94 -16.45 15.70
C SER C 96 -6.01 -17.51 16.80
N GLY C 97 -6.96 -17.38 17.72
CA GLY C 97 -7.15 -18.37 18.76
C GLY C 97 -6.26 -18.23 19.97
N GLU C 98 -5.32 -17.29 19.96
CA GLU C 98 -4.33 -17.15 21.03
C GLU C 98 -4.71 -16.05 22.01
N PHE C 99 -6.01 -15.78 22.18
CA PHE C 99 -6.47 -14.72 23.06
C PHE C 99 -7.87 -15.07 23.55
N ARG C 100 -8.00 -15.25 24.86
CA ARG C 100 -9.30 -15.51 25.48
C ARG C 100 -9.68 -14.41 26.48
N GLY C 101 -9.07 -13.24 26.38
CA GLY C 101 -9.40 -12.12 27.24
C GLY C 101 -10.64 -11.38 26.76
N LEU C 102 -10.82 -10.20 27.34
CA LEU C 102 -11.85 -9.27 26.90
C LEU C 102 -11.25 -8.21 25.99
N TYR C 103 -12.12 -7.44 25.35
CA TYR C 103 -11.72 -6.39 24.44
C TYR C 103 -12.38 -5.07 24.82
N HIS C 104 -11.71 -3.97 24.49
CA HIS C 104 -12.31 -2.64 24.44
C HIS C 104 -12.12 -2.08 23.04
N VAL C 105 -13.23 -1.76 22.38
CA VAL C 105 -13.21 -1.31 20.99
C VAL C 105 -13.25 0.21 20.99
N LEU C 106 -12.17 0.82 20.51
CA LEU C 106 -12.14 2.26 20.29
C LEU C 106 -12.95 2.62 19.05
N GLY C 107 -13.08 3.92 18.81
CA GLY C 107 -13.70 4.42 17.61
C GLY C 107 -12.74 4.74 16.49
N GLY C 108 -11.46 4.42 16.64
CA GLY C 108 -10.45 4.82 15.68
C GLY C 108 -9.13 5.18 16.32
N ALA C 109 -8.38 6.07 15.69
CA ALA C 109 -7.08 6.50 16.17
C ALA C 109 -7.02 8.02 16.23
N LEU C 110 -6.04 8.53 16.98
CA LEU C 110 -5.83 9.97 17.05
C LEU C 110 -5.32 10.49 15.71
N ASN C 111 -5.83 11.64 15.30
CA ASN C 111 -5.46 12.21 14.01
C ASN C 111 -5.71 13.71 13.99
N PRO C 112 -4.70 14.53 14.31
CA PRO C 112 -4.88 15.98 14.18
C PRO C 112 -5.33 16.42 12.79
N LEU C 113 -4.83 15.77 11.75
CA LEU C 113 -5.23 16.11 10.39
C LEU C 113 -6.72 15.89 10.14
N GLU C 114 -7.35 14.99 10.91
CA GLU C 114 -8.79 14.76 10.82
C GLU C 114 -9.52 15.28 12.05
N GLY C 115 -8.88 16.15 12.85
CA GLY C 115 -9.50 16.67 14.05
C GLY C 115 -9.89 15.62 15.07
N ILE C 116 -9.12 14.54 15.17
CA ILE C 116 -9.40 13.45 16.10
C ILE C 116 -8.45 13.59 17.28
N GLY C 117 -9.00 13.67 18.49
CA GLY C 117 -8.21 13.77 19.69
C GLY C 117 -8.97 13.29 20.91
N PRO C 118 -8.44 13.62 22.10
CA PRO C 118 -9.07 13.15 23.34
C PRO C 118 -10.56 13.44 23.44
N LYS C 119 -11.04 14.50 22.78
CA LYS C 119 -12.46 14.85 22.79
C LYS C 119 -13.28 14.06 21.78
N GLU C 120 -12.66 13.09 21.10
CA GLU C 120 -13.34 12.30 20.08
C GLU C 120 -13.33 10.81 20.35
N LEU C 121 -12.46 10.32 21.22
CA LEU C 121 -12.35 8.90 21.51
C LEU C 121 -13.24 8.53 22.69
N ASN C 122 -13.30 7.23 22.99
CA ASN C 122 -14.14 6.71 24.07
C ASN C 122 -13.35 6.48 25.36
N LEU C 123 -12.32 7.31 25.58
CA LEU C 123 -11.49 7.21 26.79
C LEU C 123 -12.31 7.00 28.05
N GLU C 124 -13.37 7.81 28.23
CA GLU C 124 -14.18 7.69 29.44
C GLU C 124 -14.91 6.36 29.52
N GLY C 125 -15.35 5.82 28.39
CA GLY C 125 -15.89 4.47 28.38
C GLY C 125 -14.85 3.43 28.72
N LEU C 126 -13.60 3.65 28.29
CA LEU C 126 -12.50 2.76 28.65
C LEU C 126 -12.29 2.76 30.15
N PHE C 127 -12.28 3.94 30.77
CA PHE C 127 -11.92 4.06 32.18
C PHE C 127 -12.98 3.46 33.10
N ARG C 128 -14.20 3.21 32.59
CA ARG C 128 -15.23 2.57 33.40
C ARG C 128 -15.03 1.07 33.54
N ARG C 129 -14.16 0.48 32.72
CA ARG C 129 -13.95 -0.96 32.70
C ARG C 129 -12.58 -1.37 33.23
N LEU C 130 -11.67 -0.42 33.39
CA LEU C 130 -10.29 -0.72 33.78
C LEU C 130 -10.15 -0.76 35.30
N GLU C 131 -9.25 -1.62 35.76
CA GLU C 131 -8.94 -1.78 37.17
C GLU C 131 -7.43 -1.69 37.36
N GLY C 132 -7.00 -1.67 38.62
CA GLY C 132 -5.61 -1.51 38.94
C GLY C 132 -4.72 -2.61 38.41
N VAL C 133 -5.03 -3.86 38.76
CA VAL C 133 -4.25 -5.00 38.29
C VAL C 133 -4.89 -5.50 37.00
N GLU C 134 -4.12 -5.46 35.91
CA GLU C 134 -4.57 -5.84 34.57
C GLU C 134 -3.42 -5.59 33.60
N GLU C 135 -3.50 -6.25 32.45
CA GLU C 135 -2.56 -6.03 31.35
C GLU C 135 -3.33 -5.70 30.09
N VAL C 136 -2.95 -4.63 29.41
CA VAL C 136 -3.64 -4.16 28.22
C VAL C 136 -2.69 -4.30 27.04
N VAL C 137 -2.96 -5.28 26.18
CA VAL C 137 -2.16 -5.44 24.97
C VAL C 137 -2.29 -4.20 24.10
N LEU C 138 -1.16 -3.73 23.59
CA LEU C 138 -1.13 -2.51 22.77
C LEU C 138 -1.08 -2.91 21.30
N ALA C 139 -2.25 -3.26 20.77
CA ALA C 139 -2.37 -3.72 19.39
C ALA C 139 -2.79 -2.58 18.46
N THR C 140 -2.11 -1.45 18.56
CA THR C 140 -2.33 -0.33 17.66
C THR C 140 -1.66 -0.57 16.32
N SER C 141 -1.96 0.31 15.36
CA SER C 141 -1.38 0.22 14.03
C SER C 141 0.13 0.44 14.09
N MET C 142 0.83 -0.07 13.08
CA MET C 142 2.29 0.02 13.03
C MET C 142 2.74 1.22 12.20
N THR C 143 2.20 2.40 12.53
CA THR C 143 2.45 3.64 11.82
C THR C 143 2.98 4.68 12.80
N VAL C 144 3.26 5.88 12.30
CA VAL C 144 3.59 6.98 13.20
C VAL C 144 2.40 7.32 14.08
N GLU C 145 1.19 7.26 13.51
CA GLU C 145 0.00 7.62 14.26
C GLU C 145 -0.36 6.53 15.26
N GLY C 146 -0.29 5.26 14.83
CA GLY C 146 -0.57 4.18 15.75
C GLY C 146 0.46 4.08 16.86
N GLU C 147 1.72 4.38 16.55
CA GLU C 147 2.74 4.40 17.60
C GLU C 147 2.53 5.55 18.57
N ALA C 148 2.18 6.73 18.06
CA ALA C 148 1.87 7.85 18.94
C ALA C 148 0.69 7.53 19.84
N THR C 149 -0.36 6.92 19.30
CA THR C 149 -1.49 6.49 20.11
C THR C 149 -1.05 5.47 21.16
N ALA C 150 -0.21 4.51 20.76
CA ALA C 150 0.27 3.49 21.69
C ALA C 150 1.00 4.12 22.87
N LEU C 151 1.97 4.99 22.58
CA LEU C 151 2.72 5.67 23.63
C LEU C 151 1.81 6.53 24.50
N TYR C 152 0.84 7.21 23.90
CA TYR C 152 -0.07 8.06 24.68
C TYR C 152 -0.91 7.22 25.64
N LEU C 153 -1.49 6.12 25.13
CA LEU C 153 -2.28 5.24 25.98
C LEU C 153 -1.42 4.61 27.07
N ALA C 154 -0.18 4.24 26.75
CA ALA C 154 0.72 3.68 27.74
C ALA C 154 1.00 4.67 28.86
N GLU C 155 1.29 5.92 28.49
CA GLU C 155 1.52 6.95 29.49
C GLU C 155 0.28 7.17 30.35
N GLU C 156 -0.90 7.27 29.71
CA GLU C 156 -2.14 7.41 30.45
C GLU C 156 -2.39 6.24 31.40
N LEU C 157 -1.91 5.05 31.04
CA LEU C 157 -2.14 3.89 31.89
C LEU C 157 -1.15 3.86 33.04
N LYS C 158 0.11 4.22 32.78
CA LYS C 158 1.10 4.27 33.84
C LYS C 158 0.76 5.35 34.85
N LYS C 159 0.20 6.47 34.39
CA LYS C 159 -0.33 7.47 35.32
C LYS C 159 -1.42 6.88 36.19
N ARG C 160 -2.32 6.10 35.59
CA ARG C 160 -3.47 5.53 36.29
C ARG C 160 -3.18 4.17 36.88
N GLY C 161 -1.90 3.78 36.98
CA GLY C 161 -1.52 2.63 37.76
C GLY C 161 -1.99 1.31 37.17
N VAL C 162 -1.43 0.94 36.02
CA VAL C 162 -1.75 -0.33 35.38
C VAL C 162 -0.59 -0.69 34.48
N ARG C 163 -0.35 -1.99 34.32
CA ARG C 163 0.76 -2.46 33.50
C ARG C 163 0.58 -2.03 32.05
N VAL C 164 1.71 -1.83 31.37
CA VAL C 164 1.73 -1.51 29.95
C VAL C 164 2.63 -2.52 29.24
N THR C 165 2.08 -3.23 28.26
CA THR C 165 2.84 -4.17 27.47
C THR C 165 2.62 -3.89 25.99
N ARG C 166 3.63 -4.21 25.18
CA ARG C 166 3.61 -3.94 23.75
C ARG C 166 4.01 -5.21 23.00
N PRO C 167 3.22 -5.64 22.00
CA PRO C 167 3.63 -6.77 21.16
C PRO C 167 5.04 -6.63 20.61
N ALA C 168 5.66 -7.74 20.24
CA ALA C 168 7.05 -7.72 19.81
C ALA C 168 7.16 -7.14 18.40
N TYR C 169 8.02 -6.13 18.25
CA TYR C 169 8.51 -5.75 16.93
C TYR C 169 9.54 -6.76 16.44
N GLY C 170 9.53 -7.01 15.13
CA GLY C 170 10.51 -7.89 14.54
C GLY C 170 10.14 -8.25 13.12
N LEU C 171 10.81 -9.29 12.61
CA LEU C 171 10.57 -9.76 11.26
C LEU C 171 9.32 -10.64 11.21
N PRO C 172 8.55 -10.56 10.14
CA PRO C 172 7.40 -11.46 9.98
C PRO C 172 7.82 -12.83 9.48
N VAL C 173 6.95 -13.81 9.75
CA VAL C 173 7.19 -15.18 9.31
C VAL C 173 7.15 -15.23 7.79
N GLY C 174 8.06 -16.00 7.21
CA GLY C 174 8.17 -16.10 5.76
C GLY C 174 8.73 -14.86 5.08
N GLY C 175 9.38 -13.99 5.83
CA GLY C 175 9.90 -12.74 5.26
C GLY C 175 11.33 -12.89 4.80
N SER C 176 11.62 -12.34 3.63
CA SER C 176 12.99 -12.30 3.12
C SER C 176 13.70 -11.04 3.59
N LEU C 177 15.03 -11.16 3.74
CA LEU C 177 15.81 -10.02 4.21
C LEU C 177 15.95 -8.96 3.12
N GLU C 178 16.18 -9.39 1.88
CA GLU C 178 16.40 -8.45 0.78
C GLU C 178 15.28 -7.43 0.66
N TYR C 179 14.03 -7.86 0.86
CA TYR C 179 12.88 -7.00 0.64
C TYR C 179 12.36 -6.33 1.92
N ALA C 180 12.91 -6.68 3.08
CA ALA C 180 12.53 -6.00 4.30
C ALA C 180 13.04 -4.56 4.31
N ASP C 181 12.27 -3.67 4.93
CA ASP C 181 12.67 -2.29 5.05
C ASP C 181 13.71 -2.12 6.16
N GLU C 182 14.44 -1.01 6.09
CA GLU C 182 15.56 -0.81 7.00
C GLU C 182 15.08 -0.64 8.44
N VAL C 183 13.87 -0.13 8.63
CA VAL C 183 13.36 0.09 9.98
C VAL C 183 13.01 -1.25 10.64
N THR C 184 12.33 -2.13 9.89
CA THR C 184 12.02 -3.45 10.40
C THR C 184 13.28 -4.20 10.82
N LEU C 185 14.31 -4.17 9.97
CA LEU C 185 15.57 -4.82 10.29
C LEU C 185 16.24 -4.19 11.51
N GLY C 186 16.22 -2.85 11.58
CA GLY C 186 16.83 -2.19 12.74
C GLY C 186 16.13 -2.54 14.03
N ARG C 187 14.80 -2.62 14.02
CA ARG C 187 14.06 -3.04 15.19
C ARG C 187 14.35 -4.49 15.54
N ALA C 188 14.42 -5.36 14.53
CA ALA C 188 14.80 -6.75 14.76
C ALA C 188 16.14 -6.84 15.47
N LEU C 189 17.13 -6.08 14.99
CA LEU C 189 18.45 -6.06 15.61
C LEU C 189 18.37 -5.56 17.05
N GLU C 190 17.88 -4.34 17.23
CA GLU C 190 17.78 -3.75 18.57
C GLU C 190 17.02 -4.64 19.53
N GLY C 191 16.00 -5.36 19.04
CA GLY C 191 15.18 -6.19 19.89
C GLY C 191 15.55 -7.65 19.85
N ARG C 192 16.81 -7.95 19.57
CA ARG C 192 17.25 -9.34 19.46
C ARG C 192 17.23 -10.02 20.81
N ARG C 193 16.90 -11.31 20.80
CA ARG C 193 16.69 -12.08 22.02
C ARG C 193 17.76 -13.16 22.16
N PRO C 194 18.10 -13.54 23.39
CA PRO C 194 19.00 -14.69 23.58
C PRO C 194 18.34 -15.99 23.18
N VAL C 195 19.19 -16.97 22.87
CA VAL C 195 18.73 -18.31 22.52
C VAL C 195 19.72 -19.36 23.01
N PRO D 5 -24.51 -14.83 12.49
CA PRO D 5 -25.83 -15.37 12.86
C PRO D 5 -26.54 -16.03 11.68
N GLU D 6 -27.81 -16.41 11.89
CA GLU D 6 -28.59 -17.00 10.81
C GLU D 6 -28.77 -16.02 9.66
N SER D 7 -28.94 -14.73 9.97
CA SER D 7 -28.97 -13.72 8.92
C SER D 7 -27.67 -13.68 8.13
N LEU D 8 -26.53 -13.77 8.83
CA LEU D 8 -25.25 -13.87 8.14
C LEU D 8 -25.17 -15.13 7.27
N LEU D 9 -25.74 -16.24 7.78
CA LEU D 9 -25.75 -17.48 7.00
C LEU D 9 -26.52 -17.32 5.72
N LYS D 10 -27.72 -16.73 5.80
CA LYS D 10 -28.54 -16.55 4.60
C LYS D 10 -27.93 -15.52 3.65
N LEU D 11 -27.25 -14.51 4.19
CA LEU D 11 -26.55 -13.55 3.33
C LEU D 11 -25.41 -14.22 2.57
N THR D 12 -24.65 -15.07 3.27
CA THR D 12 -23.58 -15.81 2.59
C THR D 12 -24.15 -16.77 1.55
N ARG D 13 -25.28 -17.41 1.85
CA ARG D 13 -25.93 -18.27 0.88
C ARG D 13 -26.34 -17.48 -0.36
N ALA D 14 -26.94 -16.31 -0.15
CA ALA D 14 -27.36 -15.47 -1.28
C ALA D 14 -26.16 -15.03 -2.11
N LEU D 15 -25.05 -14.66 -1.45
CA LEU D 15 -23.87 -14.23 -2.18
C LEU D 15 -23.26 -15.38 -2.97
N SER D 16 -23.16 -16.56 -2.35
CA SER D 16 -22.60 -17.72 -3.04
C SER D 16 -23.48 -18.16 -4.21
N ARG D 17 -24.79 -18.01 -4.09
CA ARG D 17 -25.69 -18.47 -5.14
C ARG D 17 -25.49 -17.69 -6.42
N LEU D 18 -25.27 -16.38 -6.33
CA LEU D 18 -25.10 -15.56 -7.52
C LEU D 18 -23.81 -15.91 -8.22
N PRO D 19 -23.77 -15.80 -9.55
CA PRO D 19 -22.61 -16.28 -10.30
C PRO D 19 -21.37 -15.44 -10.05
N GLY D 20 -20.22 -16.01 -10.38
CA GLY D 20 -18.97 -15.28 -10.30
C GLY D 20 -18.56 -14.88 -8.90
N ILE D 21 -18.75 -15.77 -7.93
CA ILE D 21 -18.38 -15.49 -6.54
C ILE D 21 -17.69 -16.70 -5.94
N GLY D 22 -16.87 -16.46 -4.93
CA GLY D 22 -16.26 -17.50 -4.16
C GLY D 22 -16.83 -17.59 -2.76
N PRO D 23 -16.98 -18.82 -2.24
CA PRO D 23 -17.49 -18.95 -0.86
C PRO D 23 -16.62 -18.23 0.17
N LYS D 24 -15.30 -18.30 0.02
CA LYS D 24 -14.43 -17.49 0.86
C LYS D 24 -14.63 -16.00 0.60
N THR D 25 -14.76 -15.63 -0.68
CA THR D 25 -15.07 -14.25 -1.02
C THR D 25 -16.42 -13.83 -0.47
N ALA D 26 -17.42 -14.73 -0.55
CA ALA D 26 -18.73 -14.44 -0.01
C ALA D 26 -18.66 -14.19 1.49
N GLN D 27 -17.92 -15.03 2.22
CA GLN D 27 -17.80 -14.86 3.66
C GLN D 27 -17.08 -13.57 4.01
N ARG D 28 -15.99 -13.27 3.29
CA ARG D 28 -15.23 -12.05 3.58
C ARG D 28 -16.05 -10.81 3.28
N LEU D 29 -16.86 -10.84 2.21
CA LEU D 29 -17.73 -9.70 1.92
C LEU D 29 -18.87 -9.59 2.93
N ALA D 30 -19.34 -10.73 3.44
CA ALA D 30 -20.34 -10.70 4.50
C ALA D 30 -19.78 -10.05 5.76
N LEU D 31 -18.55 -10.42 6.14
CA LEU D 31 -17.92 -9.77 7.29
C LEU D 31 -17.65 -8.30 7.03
N HIS D 32 -17.27 -7.95 5.80
CA HIS D 32 -17.01 -6.55 5.47
C HIS D 32 -18.30 -5.72 5.57
N LEU D 33 -19.43 -6.29 5.14
CA LEU D 33 -20.69 -5.57 5.27
C LEU D 33 -21.19 -5.57 6.71
N ALA D 34 -20.84 -6.59 7.50
CA ALA D 34 -21.06 -6.50 8.94
C ALA D 34 -20.24 -5.38 9.55
N PHE D 35 -19.07 -5.07 8.98
CA PHE D 35 -18.27 -3.95 9.47
C PHE D 35 -18.81 -2.60 9.02
N HIS D 36 -19.36 -2.53 7.81
CA HIS D 36 -19.87 -1.28 7.24
C HIS D 36 -21.39 -1.36 7.16
N LYS D 37 -22.06 -0.58 8.00
CA LYS D 37 -23.51 -0.64 8.07
C LYS D 37 -24.20 0.36 7.16
N GLU D 38 -23.54 1.48 6.83
CA GLU D 38 -24.14 2.45 5.92
C GLU D 38 -24.10 1.95 4.49
N GLU D 39 -23.02 1.24 4.12
CA GLU D 39 -22.94 0.68 2.78
C GLU D 39 -24.04 -0.34 2.52
N ALA D 40 -24.57 -0.96 3.58
CA ALA D 40 -25.69 -1.88 3.44
C ALA D 40 -26.90 -1.17 2.83
N GLU D 41 -27.38 -0.13 3.50
CA GLU D 41 -28.54 0.58 2.99
C GLU D 41 -28.21 1.35 1.71
N ALA D 42 -26.94 1.75 1.53
CA ALA D 42 -26.55 2.39 0.28
C ALA D 42 -26.73 1.44 -0.90
N LEU D 43 -26.24 0.21 -0.77
CA LEU D 43 -26.46 -0.80 -1.81
C LEU D 43 -27.94 -1.12 -1.96
N ALA D 44 -28.67 -1.17 -0.84
CA ALA D 44 -30.10 -1.47 -0.90
C ALA D 44 -30.84 -0.43 -1.72
N GLU D 45 -30.52 0.85 -1.52
CA GLU D 45 -31.19 1.91 -2.26
C GLU D 45 -30.69 2.01 -3.70
N ALA D 46 -29.41 1.74 -3.94
CA ALA D 46 -28.90 1.71 -5.31
C ALA D 46 -29.37 0.49 -6.08
N LEU D 47 -29.93 -0.51 -5.42
CA LEU D 47 -30.40 -1.70 -6.13
C LEU D 47 -31.55 -1.38 -7.07
N GLU D 48 -32.51 -0.56 -6.61
CA GLU D 48 -33.69 -0.25 -7.41
C GLU D 48 -33.36 0.75 -8.51
N VAL D 53 -35.36 2.26 -16.67
CA VAL D 53 -34.70 1.46 -17.69
C VAL D 53 -35.43 0.14 -17.89
N ARG D 54 -35.84 -0.11 -19.13
CA ARG D 54 -36.59 -1.33 -19.46
C ARG D 54 -36.27 -1.70 -20.90
N ALA D 55 -37.00 -2.69 -21.42
CA ALA D 55 -36.80 -3.13 -22.79
C ALA D 55 -37.14 -2.02 -23.78
N CYS D 56 -36.33 -1.91 -24.83
CA CYS D 56 -36.58 -0.91 -25.86
C CYS D 56 -37.90 -1.18 -26.55
N ARG D 57 -38.60 -0.09 -26.93
CA ARG D 57 -39.87 -0.24 -27.63
C ARG D 57 -39.70 -0.90 -29.00
N GLU D 58 -38.64 -0.54 -29.72
CA GLU D 58 -38.40 -1.10 -31.05
C GLU D 58 -37.48 -2.32 -31.01
N CYS D 59 -36.25 -2.13 -30.54
CA CYS D 59 -35.28 -3.22 -30.55
C CYS D 59 -35.55 -4.25 -29.47
N GLY D 60 -36.06 -3.83 -28.32
CA GLY D 60 -36.23 -4.71 -27.18
C GLY D 60 -35.05 -4.77 -26.23
N ASN D 61 -33.98 -4.04 -26.51
CA ASN D 61 -32.80 -4.04 -25.65
C ASN D 61 -33.05 -3.19 -24.41
N LEU D 62 -32.21 -3.40 -23.39
CA LEU D 62 -32.22 -2.53 -22.23
C LEU D 62 -31.82 -1.12 -22.64
N ALA D 63 -32.65 -0.14 -22.25
CA ALA D 63 -32.50 1.23 -22.72
C ALA D 63 -32.47 2.18 -21.52
N GLU D 64 -31.49 3.08 -21.52
CA GLU D 64 -31.45 4.18 -20.55
C GLU D 64 -32.44 5.24 -21.01
N GLY D 65 -33.71 4.97 -20.78
CA GLY D 65 -34.79 5.83 -21.25
C GLY D 65 -35.81 5.10 -22.10
N GLU D 66 -36.12 5.64 -23.27
CA GLU D 66 -37.20 5.11 -24.10
C GLU D 66 -36.72 4.28 -25.27
N LEU D 67 -35.64 4.68 -25.92
CA LEU D 67 -34.98 3.87 -26.95
C LEU D 67 -33.54 3.60 -26.57
N CYS D 68 -33.07 2.41 -26.92
CA CYS D 68 -31.66 2.10 -26.79
C CYS D 68 -30.83 2.96 -27.74
N PRO D 69 -29.57 3.24 -27.41
CA PRO D 69 -28.74 4.08 -28.28
C PRO D 69 -28.55 3.53 -29.68
N ILE D 70 -28.81 2.24 -29.89
CA ILE D 70 -28.72 1.67 -31.23
C ILE D 70 -29.71 2.34 -32.18
N CYS D 71 -30.98 2.43 -31.75
CA CYS D 71 -32.00 3.06 -32.57
C CYS D 71 -31.76 4.56 -32.71
N GLN D 72 -31.36 5.22 -31.61
CA GLN D 72 -31.22 6.67 -31.61
C GLN D 72 -29.97 7.09 -32.37
N SER D 79 -29.73 0.01 -41.70
CA SER D 79 -28.50 -0.29 -42.43
C SER D 79 -27.79 -1.50 -41.83
N LEU D 80 -26.75 -1.24 -41.04
CA LEU D 80 -25.99 -2.31 -40.40
C LEU D 80 -26.84 -3.00 -39.34
N LEU D 81 -26.61 -4.30 -39.19
CA LEU D 81 -27.36 -5.10 -38.21
C LEU D 81 -26.44 -6.21 -37.72
N ALA D 82 -26.01 -6.12 -36.47
CA ALA D 82 -25.22 -7.16 -35.84
C ALA D 82 -26.10 -8.01 -34.92
N VAL D 83 -25.69 -9.26 -34.72
CA VAL D 83 -26.43 -10.21 -33.90
C VAL D 83 -25.48 -10.79 -32.85
N VAL D 84 -25.90 -10.76 -31.59
CA VAL D 84 -25.13 -11.30 -30.48
C VAL D 84 -26.07 -12.05 -29.56
N GLU D 85 -25.52 -12.62 -28.49
CA GLU D 85 -26.31 -13.36 -27.52
C GLU D 85 -26.24 -12.81 -26.10
N SER D 86 -25.21 -12.04 -25.75
CA SER D 86 -25.05 -11.53 -24.41
C SER D 86 -24.74 -10.04 -24.45
N VAL D 87 -25.01 -9.38 -23.32
CA VAL D 87 -24.74 -7.94 -23.22
C VAL D 87 -23.23 -7.67 -23.25
N ALA D 88 -22.42 -8.63 -22.83
CA ALA D 88 -20.97 -8.45 -22.85
C ALA D 88 -20.47 -8.21 -24.27
N ASP D 89 -21.07 -8.87 -25.26
CA ASP D 89 -20.72 -8.61 -26.65
C ASP D 89 -21.03 -7.17 -27.03
N LEU D 90 -22.20 -6.68 -26.61
CA LEU D 90 -22.56 -5.29 -26.90
C LEU D 90 -21.59 -4.32 -26.25
N TYR D 91 -21.17 -4.61 -25.02
CA TYR D 91 -20.26 -3.71 -24.32
C TYR D 91 -18.86 -3.74 -24.95
N ALA D 92 -18.40 -4.92 -25.39
CA ALA D 92 -17.16 -5.00 -26.14
C ALA D 92 -17.25 -4.22 -27.44
N LEU D 93 -18.40 -4.31 -28.12
CA LEU D 93 -18.61 -3.55 -29.36
C LEU D 93 -18.52 -2.05 -29.09
N GLU D 94 -19.19 -1.59 -28.03
CA GLU D 94 -19.24 -0.16 -27.76
C GLU D 94 -17.89 0.37 -27.29
N ARG D 95 -17.14 -0.44 -26.53
CA ARG D 95 -15.79 -0.04 -26.16
C ARG D 95 -14.85 -0.04 -27.36
N SER D 96 -15.09 -0.93 -28.33
CA SER D 96 -14.43 -0.82 -29.62
C SER D 96 -14.89 0.41 -30.37
N GLY D 97 -16.20 0.59 -30.47
CA GLY D 97 -16.77 1.84 -30.97
C GLY D 97 -16.38 2.18 -32.40
N GLU D 98 -16.38 1.18 -33.28
CA GLU D 98 -16.13 1.40 -34.70
C GLU D 98 -17.37 1.28 -35.56
N PHE D 99 -18.49 0.84 -34.98
CA PHE D 99 -19.72 0.61 -35.73
C PHE D 99 -20.86 1.38 -35.08
N ARG D 100 -21.78 1.87 -35.90
CA ARG D 100 -22.86 2.72 -35.44
C ARG D 100 -24.24 2.19 -35.79
N GLY D 101 -24.35 1.23 -36.70
CA GLY D 101 -25.63 0.73 -37.15
C GLY D 101 -26.40 0.01 -36.06
N LEU D 102 -27.51 -0.58 -36.49
CA LEU D 102 -28.38 -1.30 -35.57
C LEU D 102 -27.72 -2.62 -35.13
N TYR D 103 -28.25 -3.17 -34.05
CA TYR D 103 -27.72 -4.41 -33.48
C TYR D 103 -28.89 -5.23 -32.93
N HIS D 104 -28.57 -6.32 -32.24
CA HIS D 104 -29.57 -7.14 -31.59
C HIS D 104 -28.90 -7.98 -30.51
N VAL D 105 -29.70 -8.44 -29.56
CA VAL D 105 -29.28 -9.43 -28.57
C VAL D 105 -30.25 -10.60 -28.62
N LEU D 106 -29.72 -11.82 -28.66
CA LEU D 106 -30.50 -13.04 -28.72
C LEU D 106 -30.66 -13.63 -27.33
N GLY D 107 -31.74 -14.40 -27.16
CA GLY D 107 -32.09 -14.92 -25.85
C GLY D 107 -31.56 -16.31 -25.59
N GLY D 108 -30.59 -16.74 -26.38
CA GLY D 108 -29.99 -18.04 -26.18
C GLY D 108 -29.11 -18.42 -27.36
N ALA D 109 -28.59 -19.64 -27.27
CA ALA D 109 -27.79 -20.23 -28.33
C ALA D 109 -28.25 -21.66 -28.58
N LEU D 110 -28.34 -22.03 -29.86
CA LEU D 110 -28.90 -23.32 -30.24
C LEU D 110 -27.92 -24.42 -29.84
N ASN D 111 -28.19 -25.06 -28.70
CA ASN D 111 -27.29 -26.05 -28.13
C ASN D 111 -27.93 -27.43 -28.20
N PRO D 112 -27.40 -28.35 -29.00
CA PRO D 112 -28.03 -29.68 -29.09
C PRO D 112 -28.12 -30.41 -27.77
N LEU D 113 -27.09 -30.31 -26.92
CA LEU D 113 -27.08 -31.01 -25.65
C LEU D 113 -27.99 -30.35 -24.62
N GLU D 114 -28.13 -29.02 -24.68
CA GLU D 114 -29.07 -28.32 -23.81
C GLU D 114 -30.51 -28.47 -24.29
N GLY D 115 -30.72 -28.55 -25.59
CA GLY D 115 -32.05 -28.65 -26.15
C GLY D 115 -32.67 -27.36 -26.62
N ILE D 116 -31.87 -26.30 -26.79
CA ILE D 116 -32.39 -25.03 -27.25
C ILE D 116 -32.72 -25.13 -28.74
N GLY D 117 -33.90 -24.63 -29.11
CA GLY D 117 -34.36 -24.72 -30.47
C GLY D 117 -34.66 -23.36 -31.08
N PRO D 118 -34.69 -23.29 -32.40
CA PRO D 118 -34.98 -21.99 -33.06
C PRO D 118 -36.32 -21.41 -32.70
N LYS D 119 -37.30 -22.25 -32.34
CA LYS D 119 -38.60 -21.73 -31.91
C LYS D 119 -38.49 -20.88 -30.66
N GLU D 120 -37.51 -21.18 -29.81
CA GLU D 120 -37.30 -20.40 -28.59
C GLU D 120 -36.53 -19.11 -28.83
N LEU D 121 -35.99 -18.92 -30.03
CA LEU D 121 -35.26 -17.70 -30.36
C LEU D 121 -36.22 -16.55 -30.65
N ASN D 122 -35.70 -15.33 -30.55
CA ASN D 122 -36.42 -14.12 -30.93
C ASN D 122 -35.91 -13.69 -32.31
N LEU D 123 -36.53 -14.25 -33.36
CA LEU D 123 -36.03 -14.10 -34.72
C LEU D 123 -37.04 -13.54 -35.69
N GLU D 124 -38.34 -13.54 -35.36
CA GLU D 124 -39.31 -12.84 -36.19
C GLU D 124 -39.13 -11.33 -36.13
N GLY D 125 -38.69 -10.81 -34.98
CA GLY D 125 -38.26 -9.43 -34.93
C GLY D 125 -37.15 -9.13 -35.92
N LEU D 126 -36.19 -10.05 -36.05
CA LEU D 126 -35.16 -9.91 -37.06
C LEU D 126 -35.75 -10.02 -38.46
N PHE D 127 -36.80 -10.82 -38.61
CA PHE D 127 -37.41 -11.03 -39.92
C PHE D 127 -38.04 -9.73 -40.41
N ARG D 128 -38.85 -9.09 -39.56
CA ARG D 128 -39.41 -7.81 -39.96
C ARG D 128 -38.33 -6.73 -40.04
N ARG D 129 -37.31 -6.80 -39.16
CA ARG D 129 -36.22 -5.82 -39.20
C ARG D 129 -35.40 -5.94 -40.48
N LEU D 130 -35.53 -7.04 -41.22
CA LEU D 130 -34.75 -7.23 -42.43
C LEU D 130 -34.92 -6.08 -43.41
N GLU D 131 -36.09 -5.45 -43.43
CA GLU D 131 -36.34 -4.32 -44.31
C GLU D 131 -35.29 -3.23 -44.10
N GLY D 132 -34.86 -2.62 -45.20
CA GLY D 132 -33.87 -1.56 -45.17
C GLY D 132 -32.62 -1.92 -44.39
N VAL D 133 -31.99 -3.03 -44.77
CA VAL D 133 -30.72 -3.46 -44.20
C VAL D 133 -29.73 -3.60 -45.36
N GLU D 134 -28.73 -2.72 -45.38
CA GLU D 134 -27.70 -2.80 -46.42
C GLU D 134 -26.77 -3.99 -46.18
N GLU D 135 -26.37 -4.22 -44.93
CA GLU D 135 -25.39 -5.25 -44.64
C GLU D 135 -25.60 -5.74 -43.21
N VAL D 136 -25.28 -7.01 -42.98
CA VAL D 136 -25.40 -7.65 -41.68
C VAL D 136 -24.05 -8.26 -41.30
N VAL D 137 -23.69 -8.14 -40.03
CA VAL D 137 -22.46 -8.73 -39.50
C VAL D 137 -22.85 -9.79 -38.48
N LEU D 138 -22.27 -10.98 -38.61
CA LEU D 138 -22.50 -12.07 -37.67
C LEU D 138 -21.49 -11.98 -36.53
N ALA D 139 -21.83 -11.16 -35.54
CA ALA D 139 -20.97 -10.97 -34.37
C ALA D 139 -21.21 -12.09 -33.34
N THR D 140 -20.95 -13.32 -33.79
CA THR D 140 -21.15 -14.49 -32.95
C THR D 140 -19.94 -14.74 -32.07
N SER D 141 -20.16 -15.53 -31.01
CA SER D 141 -19.08 -15.92 -30.12
C SER D 141 -18.19 -16.96 -30.79
N MET D 142 -16.88 -16.84 -30.55
CA MET D 142 -15.88 -17.74 -31.13
C MET D 142 -16.18 -19.22 -30.86
N THR D 143 -17.08 -19.50 -29.92
CA THR D 143 -17.41 -20.87 -29.59
C THR D 143 -18.01 -21.59 -30.79
N VAL D 144 -17.72 -22.89 -30.89
CA VAL D 144 -18.09 -23.65 -32.08
C VAL D 144 -19.61 -23.75 -32.22
N GLU D 145 -20.32 -23.96 -31.11
CA GLU D 145 -21.77 -24.05 -31.19
C GLU D 145 -22.39 -22.72 -31.61
N GLY D 146 -21.88 -21.61 -31.08
CA GLY D 146 -22.37 -20.31 -31.50
C GLY D 146 -22.07 -20.02 -32.95
N GLU D 147 -20.89 -20.43 -33.43
CA GLU D 147 -20.55 -20.27 -34.83
C GLU D 147 -21.51 -21.08 -35.71
N ALA D 148 -21.81 -22.31 -35.31
CA ALA D 148 -22.74 -23.13 -36.08
C ALA D 148 -24.13 -22.50 -36.11
N THR D 149 -24.60 -22.02 -34.96
CA THR D 149 -25.91 -21.37 -34.91
C THR D 149 -25.94 -20.13 -35.80
N ALA D 150 -24.88 -19.32 -35.75
CA ALA D 150 -24.83 -18.12 -36.59
C ALA D 150 -24.83 -18.49 -38.06
N LEU D 151 -24.08 -19.53 -38.44
CA LEU D 151 -24.05 -19.95 -39.84
C LEU D 151 -25.42 -20.46 -40.28
N TYR D 152 -26.11 -21.18 -39.40
CA TYR D 152 -27.42 -21.73 -39.75
C TYR D 152 -28.45 -20.61 -39.92
N LEU D 153 -28.44 -19.63 -39.01
CA LEU D 153 -29.30 -18.46 -39.18
C LEU D 153 -28.95 -17.69 -40.45
N ALA D 154 -27.65 -17.51 -40.73
CA ALA D 154 -27.27 -16.79 -41.94
C ALA D 154 -27.71 -17.53 -43.20
N GLU D 155 -27.74 -18.85 -43.17
CA GLU D 155 -28.25 -19.60 -44.30
C GLU D 155 -29.77 -19.50 -44.41
N GLU D 156 -30.46 -19.57 -43.27
CA GLU D 156 -31.91 -19.38 -43.27
C GLU D 156 -32.32 -18.00 -43.75
N LEU D 157 -31.44 -17.01 -43.58
CA LEU D 157 -31.72 -15.66 -44.04
C LEU D 157 -31.23 -15.40 -45.47
N LYS D 158 -30.21 -16.13 -45.92
CA LYS D 158 -29.77 -15.99 -47.32
C LYS D 158 -30.83 -16.48 -48.29
N LYS D 159 -31.51 -17.57 -47.95
CA LYS D 159 -32.55 -18.11 -48.83
C LYS D 159 -33.68 -17.12 -49.06
N ARG D 160 -33.89 -16.18 -48.14
CA ARG D 160 -34.87 -15.12 -48.37
C ARG D 160 -34.39 -14.14 -49.43
N GLY D 161 -33.09 -13.99 -49.61
CA GLY D 161 -32.55 -13.09 -50.60
C GLY D 161 -31.93 -11.84 -50.02
N VAL D 162 -31.35 -11.96 -48.82
CA VAL D 162 -30.72 -10.86 -48.13
C VAL D 162 -29.21 -11.07 -48.15
N ARG D 163 -28.47 -9.97 -48.19
CA ARG D 163 -27.02 -10.03 -48.20
C ARG D 163 -26.50 -10.28 -46.79
N VAL D 164 -25.59 -11.24 -46.66
CA VAL D 164 -24.99 -11.62 -45.38
C VAL D 164 -23.49 -11.47 -45.49
N THR D 165 -22.88 -10.77 -44.53
CA THR D 165 -21.44 -10.54 -44.51
C THR D 165 -20.87 -11.02 -43.17
N ARG D 166 -19.58 -11.35 -43.20
CA ARG D 166 -18.90 -11.81 -41.99
C ARG D 166 -18.29 -10.64 -41.23
N LEU E 15 10.99 10.76 -12.00
CA LEU E 15 11.52 10.63 -10.64
C LEU E 15 11.54 11.98 -9.93
N GLU E 16 11.12 11.98 -8.68
CA GLU E 16 11.09 13.21 -7.87
C GLU E 16 11.50 12.88 -6.45
N GLU E 17 11.94 13.91 -5.73
CA GLU E 17 12.36 13.79 -4.35
C GLU E 17 11.56 14.76 -3.49
N GLY E 18 11.04 14.27 -2.37
CA GLY E 18 10.18 15.10 -1.55
C GLY E 18 9.96 14.47 -0.19
N ILE E 19 8.96 15.00 0.51
CA ILE E 19 8.68 14.61 1.89
C ILE E 19 7.24 14.09 1.96
N VAL E 20 6.99 13.30 3.00
CA VAL E 20 5.65 12.76 3.27
C VAL E 20 5.00 13.64 4.34
N VAL E 21 3.91 14.30 3.97
CA VAL E 21 3.20 15.21 4.87
C VAL E 21 1.73 14.92 4.96
N GLY E 22 1.22 13.93 4.23
CA GLY E 22 -0.19 13.60 4.28
C GLY E 22 -0.48 12.13 4.05
N ARG E 23 -1.23 11.51 4.95
CA ARG E 23 -1.62 10.10 4.85
C ARG E 23 -3.12 10.01 5.06
N LYS E 24 -3.86 9.87 3.97
CA LYS E 24 -5.30 9.64 4.03
C LYS E 24 -5.63 8.22 3.59
N PRO E 25 -6.01 7.34 4.51
CA PRO E 25 -6.30 5.95 4.11
C PRO E 25 -7.50 5.89 3.16
N LEU E 26 -7.42 5.00 2.18
CA LEU E 26 -8.54 4.84 1.27
C LEU E 26 -9.34 3.60 1.62
N PRO E 27 -10.67 3.69 1.54
CA PRO E 27 -11.51 2.57 2.02
C PRO E 27 -11.27 1.27 1.28
N GLN E 28 -10.80 1.32 0.03
CA GLN E 28 -10.51 0.13 -0.76
C GLN E 28 -9.15 -0.48 -0.44
N GLY E 29 -8.53 -0.10 0.68
CA GLY E 29 -7.22 -0.59 1.03
C GLY E 29 -6.06 0.20 0.47
N ASP E 30 -6.32 1.18 -0.39
CA ASP E 30 -5.26 2.01 -0.95
C ASP E 30 -4.90 3.12 0.04
N LEU E 31 -4.05 4.04 -0.40
CA LEU E 31 -3.61 5.14 0.45
C LEU E 31 -3.45 6.40 -0.39
N LEU E 32 -3.97 7.52 0.11
CA LEU E 32 -3.77 8.82 -0.51
C LEU E 32 -2.53 9.47 0.09
N LEU E 33 -1.56 9.82 -0.76
CA LEU E 33 -0.31 10.42 -0.34
C LEU E 33 -0.27 11.88 -0.76
N ARG E 34 0.24 12.73 0.13
CA ARG E 34 0.45 14.15 -0.15
C ARG E 34 1.93 14.46 0.03
N LEU E 35 2.56 14.98 -1.02
CA LEU E 35 3.99 15.23 -1.01
C LEU E 35 4.27 16.59 -1.61
N VAL E 36 5.41 17.17 -1.22
CA VAL E 36 5.88 18.44 -1.77
C VAL E 36 7.34 18.28 -2.18
N THR E 37 7.67 18.79 -3.36
CA THR E 37 9.04 18.76 -3.85
C THR E 37 9.56 20.18 -4.01
N PRO E 38 10.86 20.37 -4.28
CA PRO E 38 11.36 21.71 -4.59
C PRO E 38 10.75 22.33 -5.84
N ARG E 39 9.92 21.57 -6.55
CA ARG E 39 9.23 22.06 -7.74
C ARG E 39 7.75 22.36 -7.52
N GLY E 40 7.21 22.02 -6.36
CA GLY E 40 5.83 22.29 -6.04
C GLY E 40 5.19 21.10 -5.34
N SER E 41 4.06 21.36 -4.69
CA SER E 41 3.33 20.30 -4.00
C SER E 41 2.59 19.43 -5.00
N LEU E 42 2.15 18.27 -4.53
CA LEU E 42 1.44 17.32 -5.38
C LEU E 42 0.64 16.38 -4.50
N GLU E 43 -0.32 15.68 -5.12
CA GLU E 43 -1.06 14.61 -4.47
C GLU E 43 -0.93 13.34 -5.31
N ALA E 44 -0.75 12.21 -4.62
CA ALA E 44 -0.48 10.94 -5.28
C ALA E 44 -1.21 9.83 -4.54
N VAL E 45 -1.37 8.69 -5.22
CA VAL E 45 -2.03 7.52 -4.66
C VAL E 45 -1.12 6.31 -4.86
N VAL E 46 -1.34 5.30 -4.03
CA VAL E 46 -0.60 4.05 -4.10
C VAL E 46 -1.58 2.89 -4.02
N ARG E 47 -1.30 1.82 -4.76
CA ARG E 47 -2.05 0.58 -4.63
C ARG E 47 -1.67 -0.15 -3.36
N LYS E 48 -2.68 -0.57 -2.60
CA LYS E 48 -2.48 -1.19 -1.28
C LYS E 48 -1.74 -0.25 -0.33
N LEU E 59 8.13 5.01 3.15
CA LEU E 59 6.90 5.74 2.82
C LEU E 59 6.17 6.17 4.08
N SER E 60 6.82 6.00 5.23
CA SER E 60 6.25 6.42 6.49
C SER E 60 6.21 7.95 6.57
N LEU E 61 5.47 8.45 7.55
CA LEU E 61 5.21 9.88 7.66
C LEU E 61 6.49 10.63 7.97
N PHE E 62 6.65 11.79 7.34
CA PHE E 62 7.73 12.74 7.64
C PHE E 62 9.09 12.21 7.23
N HIS E 63 9.14 11.40 6.19
CA HIS E 63 10.38 10.81 5.70
C HIS E 63 10.74 11.45 4.36
N HIS E 64 11.99 11.91 4.24
CA HIS E 64 12.50 12.41 2.96
C HIS E 64 12.70 11.23 2.01
N VAL E 65 11.89 11.18 0.95
CA VAL E 65 11.82 10.03 0.07
C VAL E 65 11.98 10.49 -1.36
N ARG E 66 12.64 9.67 -2.18
CA ARG E 66 12.71 9.87 -3.63
C ARG E 66 11.80 8.85 -4.30
N PHE E 67 10.88 9.32 -5.13
CA PHE E 67 9.80 8.50 -5.64
C PHE E 67 9.58 8.82 -7.11
N GLN E 68 9.06 7.83 -7.84
CA GLN E 68 8.74 7.96 -9.25
C GLN E 68 7.23 7.90 -9.42
N LEU E 69 6.67 8.93 -10.05
CA LEU E 69 5.23 9.08 -10.20
C LEU E 69 4.81 8.70 -11.61
N TYR E 70 3.67 8.02 -11.72
CA TYR E 70 3.07 7.68 -13.00
C TYR E 70 1.63 8.16 -13.03
N ALA E 71 1.26 8.85 -14.10
CA ALA E 71 -0.10 9.36 -14.26
C ALA E 71 -0.64 9.08 -15.65
N LEU E 76 -5.21 11.62 -10.31
CA LEU E 76 -4.09 11.61 -9.37
C LEU E 76 -3.00 10.64 -9.83
N PRO E 77 -1.76 11.09 -9.79
CA PRO E 77 -0.65 10.22 -10.18
C PRO E 77 -0.53 9.02 -9.25
N THR E 78 -0.16 7.88 -9.82
CA THR E 78 0.00 6.64 -9.07
C THR E 78 1.48 6.35 -8.89
N LEU E 79 1.91 6.24 -7.64
CA LEU E 79 3.32 6.00 -7.35
C LEU E 79 3.70 4.58 -7.77
N THR E 80 4.90 4.45 -8.34
CA THR E 80 5.43 3.17 -8.79
C THR E 80 6.60 2.69 -7.95
N GLN E 81 7.60 3.54 -7.72
CA GLN E 81 8.79 3.17 -6.97
C GLN E 81 9.07 4.24 -5.92
N ALA E 82 9.67 3.80 -4.81
CA ALA E 82 9.99 4.68 -3.70
C ALA E 82 11.32 4.25 -3.09
N GLU E 83 12.15 5.24 -2.75
CA GLU E 83 13.45 5.00 -2.14
C GLU E 83 13.57 5.82 -0.87
N LEU E 84 13.95 5.16 0.23
CA LEU E 84 14.11 5.82 1.51
C LEU E 84 15.48 6.48 1.59
N LEU E 85 15.52 7.72 2.06
CA LEU E 85 16.77 8.46 2.20
C LEU E 85 17.10 8.86 3.63
N GLY E 86 16.20 8.62 4.59
CA GLY E 86 16.48 8.92 5.97
C GLY E 86 15.27 8.78 6.87
N ARG E 87 15.51 8.50 8.16
CA ARG E 87 14.45 8.37 9.14
C ARG E 87 14.73 9.32 10.31
N LEU E 88 13.67 9.97 10.80
CA LEU E 88 13.74 10.82 11.97
C LEU E 88 13.20 10.03 13.17
N HIS E 89 14.10 9.34 13.86
CA HIS E 89 13.66 8.37 14.87
C HIS E 89 13.03 9.06 16.08
N GLY E 90 13.43 10.30 16.36
CA GLY E 90 13.03 10.99 17.56
C GLY E 90 11.66 11.62 17.54
N LEU E 91 10.95 11.51 16.41
CA LEU E 91 9.65 12.16 16.27
C LEU E 91 8.53 11.44 17.01
N GLU E 92 8.81 10.27 17.59
CA GLU E 92 7.76 9.48 18.23
C GLU E 92 7.20 10.12 19.50
N ALA E 93 7.86 11.15 20.02
CA ALA E 93 7.34 11.84 21.19
C ALA E 93 6.00 12.49 20.85
N PRO E 94 5.01 12.43 21.76
CA PRO E 94 3.68 12.97 21.44
C PRO E 94 3.69 14.44 21.06
N ARG E 95 4.24 15.28 21.94
CA ARG E 95 4.31 16.72 21.66
C ARG E 95 5.17 16.99 20.44
N ARG E 96 6.30 16.30 20.31
CA ARG E 96 7.16 16.48 19.14
C ARG E 96 6.43 16.07 17.86
N PHE E 97 5.69 14.96 17.91
CA PHE E 97 4.93 14.53 16.74
C PHE E 97 3.85 15.56 16.38
N LEU E 98 3.16 16.10 17.38
CA LEU E 98 2.15 17.12 17.12
C LEU E 98 2.77 18.35 16.50
N LEU E 99 3.92 18.81 17.01
CA LEU E 99 4.57 19.98 16.46
C LEU E 99 5.06 19.73 15.04
N ALA E 100 5.59 18.53 14.77
CA ALA E 100 6.01 18.20 13.42
C ALA E 100 4.83 18.17 12.46
N ALA E 101 3.69 17.62 12.89
CA ALA E 101 2.51 17.62 12.06
C ALA E 101 2.03 19.04 11.78
N PHE E 102 2.04 19.90 12.81
CA PHE E 102 1.71 21.31 12.61
C PHE E 102 2.62 21.95 11.56
N LEU E 103 3.93 21.74 11.71
CA LEU E 103 4.89 22.35 10.78
C LEU E 103 4.66 21.84 9.37
N ALA E 104 4.44 20.53 9.21
CA ALA E 104 4.24 19.96 7.89
C ALA E 104 2.96 20.50 7.25
N GLU E 105 1.88 20.59 8.03
CA GLU E 105 0.62 21.10 7.49
C GLU E 105 0.76 22.56 7.07
N LEU E 106 1.42 23.38 7.90
CA LEU E 106 1.64 24.77 7.54
C LEU E 106 2.50 24.89 6.29
N ALA E 107 3.53 24.05 6.18
CA ALA E 107 4.37 24.04 4.98
C ALA E 107 3.55 23.70 3.74
N TYR E 108 2.72 22.66 3.83
CA TYR E 108 1.91 22.24 2.70
C TYR E 108 0.92 23.32 2.29
N ARG E 109 0.29 23.97 3.26
CA ARG E 109 -0.62 25.06 2.94
C ARG E 109 0.11 26.27 2.37
N LEU E 110 1.41 26.38 2.61
CA LEU E 110 2.24 27.45 2.05
C LEU E 110 3.10 26.95 0.90
N ALA E 111 2.91 25.71 0.44
CA ALA E 111 3.78 25.08 -0.55
C ALA E 111 3.34 25.52 -1.95
N SER E 112 3.70 26.75 -2.30
CA SER E 112 3.54 27.20 -3.66
C SER E 112 4.71 26.72 -4.52
N PRO E 113 4.47 26.43 -5.81
CA PRO E 113 5.58 25.97 -6.66
C PRO E 113 6.73 26.96 -6.75
N GLU E 114 6.44 28.26 -6.77
CA GLU E 114 7.49 29.26 -6.83
C GLU E 114 8.31 29.28 -5.55
N ALA E 115 7.65 29.19 -4.40
CA ALA E 115 8.32 29.18 -3.11
C ALA E 115 8.85 27.81 -2.70
N ALA E 116 8.46 26.75 -3.39
CA ALA E 116 8.88 25.39 -3.04
C ALA E 116 10.39 25.23 -2.95
N PRO E 117 11.19 25.73 -3.90
CA PRO E 117 12.65 25.60 -3.76
C PRO E 117 13.21 26.28 -2.53
N ARG E 118 12.51 27.27 -1.98
CA ARG E 118 12.93 27.92 -0.75
C ARG E 118 12.45 27.15 0.48
N ILE E 119 11.18 26.74 0.47
CA ILE E 119 10.58 26.12 1.64
C ILE E 119 11.17 24.73 1.88
N TYR E 120 11.45 23.98 0.81
CA TYR E 120 11.89 22.59 0.98
C TYR E 120 13.16 22.49 1.82
N PRO E 121 14.24 23.22 1.51
CA PRO E 121 15.39 23.19 2.43
C PRO E 121 15.06 23.71 3.82
N LEU E 122 14.21 24.74 3.90
CA LEU E 122 13.76 25.21 5.21
C LEU E 122 12.96 24.13 5.94
N LEU E 123 12.11 23.42 5.21
CA LEU E 123 11.37 22.30 5.80
C LEU E 123 12.32 21.27 6.37
N VAL E 124 13.31 20.85 5.58
CA VAL E 124 14.24 19.82 6.03
C VAL E 124 15.03 20.31 7.24
N SER E 125 15.49 21.56 7.20
CA SER E 125 16.27 22.09 8.32
C SER E 125 15.43 22.16 9.59
N GLY E 126 14.18 22.61 9.47
CA GLY E 126 13.31 22.66 10.63
C GLY E 126 13.01 21.28 11.20
N LEU E 127 12.78 20.30 10.32
CA LEU E 127 12.55 18.93 10.78
C LEU E 127 13.77 18.39 11.51
N ARG E 128 14.96 18.61 10.94
CA ARG E 128 16.19 18.17 11.60
C ARG E 128 16.36 18.83 12.96
N GLY E 129 16.07 20.13 13.03
CA GLY E 129 16.21 20.84 14.29
C GLY E 129 15.26 20.32 15.34
N ILE E 130 13.99 20.12 14.97
CA ILE E 130 13.01 19.62 15.93
C ILE E 130 13.28 18.17 16.30
N ALA E 131 13.99 17.43 15.44
CA ALA E 131 14.38 16.07 15.78
C ALA E 131 15.55 16.06 16.76
N LYS E 132 16.51 16.97 16.57
CA LYS E 132 17.76 16.93 17.33
C LYS E 132 17.75 17.83 18.56
N HIS E 133 17.19 19.04 18.47
CA HIS E 133 17.27 19.98 19.58
C HIS E 133 16.48 19.48 20.78
N GLU E 134 16.92 19.89 21.96
CA GLU E 134 16.25 19.48 23.19
C GLU E 134 14.83 20.02 23.26
N ASP E 135 14.62 21.27 22.83
CA ASP E 135 13.30 21.86 22.80
C ASP E 135 12.82 21.95 21.35
N PRO E 136 11.87 21.11 20.92
CA PRO E 136 11.42 21.18 19.52
C PRO E 136 10.77 22.51 19.16
N LEU E 137 10.15 23.20 20.13
CA LEU E 137 9.41 24.42 19.81
C LEU E 137 10.33 25.51 19.27
N LEU E 138 11.58 25.56 19.75
CA LEU E 138 12.51 26.59 19.30
C LEU E 138 12.78 26.48 17.80
N PRO E 139 13.38 25.41 17.31
CA PRO E 139 13.58 25.29 15.86
C PRO E 139 12.27 25.22 15.09
N LEU E 140 11.20 24.72 15.71
CA LEU E 140 9.91 24.70 15.04
C LEU E 140 9.47 26.12 14.67
N VAL E 141 9.47 27.02 15.65
CA VAL E 141 9.07 28.39 15.39
C VAL E 141 10.08 29.09 14.50
N TRP E 142 11.37 28.77 14.68
CA TRP E 142 12.41 29.36 13.84
C TRP E 142 12.16 29.06 12.36
N ALA E 143 11.84 27.80 12.05
CA ALA E 143 11.57 27.43 10.66
C ALA E 143 10.22 27.98 10.20
N GLY E 144 9.23 27.99 11.09
CA GLY E 144 7.91 28.43 10.71
C GLY E 144 7.86 29.90 10.34
N TRP E 145 8.56 30.74 11.11
CA TRP E 145 8.60 32.17 10.79
C TRP E 145 9.24 32.42 9.43
N ARG E 146 10.33 31.70 9.14
CA ARG E 146 11.00 31.89 7.85
C ARG E 146 10.15 31.37 6.71
N VAL E 147 9.43 30.25 6.92
CA VAL E 147 8.52 29.76 5.90
C VAL E 147 7.40 30.76 5.64
N ALA E 148 6.85 31.34 6.70
CA ALA E 148 5.81 32.36 6.54
C ALA E 148 6.35 33.58 5.79
N LYS E 149 7.57 34.00 6.10
CA LYS E 149 8.18 35.13 5.39
C LYS E 149 8.37 34.83 3.92
N ALA E 150 8.87 33.63 3.60
CA ALA E 150 9.17 33.28 2.22
C ALA E 150 7.94 32.90 1.42
N GLY E 151 6.83 32.59 2.08
CA GLY E 151 5.61 32.18 1.41
C GLY E 151 4.68 33.31 1.00
N GLY E 152 5.16 34.55 1.01
CA GLY E 152 4.30 35.68 0.70
C GLY E 152 3.41 36.14 1.83
N ILE E 153 3.58 35.62 3.03
CA ILE E 153 2.72 35.96 4.16
C ILE E 153 3.55 36.62 5.25
N GLY E 154 4.59 37.36 4.84
CA GLY E 154 5.43 38.07 5.77
C GLY E 154 4.67 39.14 6.53
N PRO E 155 4.69 39.05 7.85
CA PRO E 155 3.96 40.04 8.66
C PRO E 155 4.62 41.40 8.60
N ASN E 156 3.80 42.43 8.83
CA ASN E 156 4.27 43.82 8.80
C ASN E 156 4.71 44.19 10.21
N LEU E 157 6.02 44.21 10.44
CA LEU E 157 6.59 44.56 11.74
C LEU E 157 6.83 46.06 11.90
N GLU E 158 6.51 46.86 10.89
CA GLU E 158 6.68 48.30 10.97
C GLU E 158 5.62 48.93 11.86
N LEU E 162 3.15 46.84 20.68
CA LEU E 162 3.86 45.67 21.18
C LEU E 162 3.06 44.40 20.93
N ARG E 163 1.81 44.56 20.49
CA ARG E 163 0.93 43.45 20.18
C ARG E 163 0.70 43.41 18.67
N LEU E 164 0.94 42.25 18.07
CA LEU E 164 0.78 42.06 16.64
C LEU E 164 -0.62 41.55 16.34
N LYS E 165 -1.36 42.26 15.49
CA LYS E 165 -2.69 41.88 15.06
C LYS E 165 -2.71 41.74 13.55
N ARG E 166 -3.32 40.66 13.07
CA ARG E 166 -3.34 40.31 11.65
C ARG E 166 -2.01 40.58 10.95
N GLY E 167 -0.91 40.26 11.61
CA GLY E 167 0.41 40.52 11.07
C GLY E 167 0.89 41.95 11.20
N ARG E 168 0.16 42.80 11.92
CA ARG E 168 0.51 44.21 12.08
C ARG E 168 0.62 44.54 13.56
N LEU E 169 1.70 45.23 13.93
CA LEU E 169 1.90 45.61 15.31
C LEU E 169 0.89 46.67 15.74
N GLY E 170 0.62 46.71 17.04
CA GLY E 170 -0.34 47.67 17.56
C GLY E 170 -0.64 47.40 19.02
N GLU E 171 -1.75 47.98 19.48
CA GLU E 171 -2.21 47.79 20.86
C GLU E 171 -3.20 46.63 21.00
N GLU E 172 -3.54 45.96 19.90
CA GLU E 172 -4.43 44.81 19.94
C GLU E 172 -3.69 43.55 19.46
N GLY E 173 -4.08 42.42 20.02
CA GLY E 173 -3.46 41.15 19.72
C GLY E 173 -2.69 40.59 20.91
N VAL E 174 -1.86 39.60 20.61
CA VAL E 174 -1.05 38.95 21.63
C VAL E 174 0.14 39.86 21.97
N TYR E 175 0.35 40.09 23.26
CA TYR E 175 1.43 40.96 23.72
C TYR E 175 2.76 40.28 23.48
N LEU E 176 3.44 40.66 22.39
CA LEU E 176 4.71 40.05 22.05
C LEU E 176 5.85 40.58 22.92
N GLY E 177 5.74 41.82 23.38
CA GLY E 177 6.79 42.43 24.18
C GLY E 177 7.95 42.93 23.33
N ARG E 178 8.76 43.80 23.95
CA ARG E 178 9.91 44.36 23.25
C ARG E 178 10.91 43.27 22.87
N GLU E 179 11.19 42.34 23.78
CA GLU E 179 12.12 41.26 23.48
C GLU E 179 11.59 40.38 22.35
N GLY E 180 10.29 40.06 22.40
CA GLY E 180 9.70 39.26 21.32
C GLY E 180 9.76 39.96 19.99
N VAL E 181 9.47 41.26 19.96
CA VAL E 181 9.52 42.02 18.71
C VAL E 181 10.95 42.06 18.18
N GLU E 182 11.93 42.27 19.07
CA GLU E 182 13.33 42.32 18.64
C GLU E 182 13.77 40.97 18.07
N ALA E 183 13.41 39.88 18.76
CA ALA E 183 13.77 38.55 18.26
C ALA E 183 13.11 38.26 16.92
N LEU E 184 11.84 38.66 16.77
CA LEU E 184 11.15 38.45 15.50
C LEU E 184 11.82 39.23 14.38
N LYS E 185 12.18 40.48 14.63
CA LYS E 185 12.86 41.28 13.62
C LYS E 185 14.21 40.68 13.26
N ALA E 186 14.96 40.21 14.27
CA ALA E 186 16.26 39.59 14.01
C ALA E 186 16.10 38.34 13.16
N THR E 187 15.10 37.51 13.48
CA THR E 187 14.88 36.30 12.69
C THR E 187 14.47 36.63 11.26
N LEU E 188 13.59 37.63 11.10
CA LEU E 188 13.13 38.01 9.77
C LEU E 188 14.21 38.68 8.94
N ARG E 189 15.21 39.29 9.57
CA ARG E 189 16.26 40.00 8.85
C ARG E 189 17.60 39.28 8.88
N LEU E 190 18.08 38.88 10.05
CA LEU E 190 19.35 38.19 10.12
C LEU E 190 19.19 36.71 9.75
N PRO E 191 20.23 36.09 9.22
CA PRO E 191 20.19 34.63 9.00
C PRO E 191 20.01 33.87 10.30
N GLY E 192 19.70 32.58 10.15
CA GLY E 192 19.31 31.78 11.31
C GLY E 192 20.43 31.58 12.32
N ALA E 193 21.68 31.59 11.84
CA ALA E 193 22.82 31.30 12.71
C ALA E 193 22.87 32.25 13.90
N GLN E 194 22.77 33.55 13.64
CA GLN E 194 22.71 34.52 14.72
C GLN E 194 21.29 34.85 15.15
N ALA E 195 20.28 34.35 14.43
CA ALA E 195 18.90 34.51 14.88
C ALA E 195 18.57 33.56 16.02
N LEU E 196 19.25 32.42 16.09
CA LEU E 196 19.01 31.47 17.19
C LEU E 196 19.29 32.08 18.55
N PRO E 197 20.41 32.76 18.79
CA PRO E 197 20.65 33.34 20.12
C PRO E 197 19.59 34.33 20.56
N HIS E 198 19.03 35.10 19.63
CA HIS E 198 18.00 36.07 19.98
C HIS E 198 16.76 35.37 20.55
N LEU E 199 16.35 34.27 19.95
CA LEU E 199 15.18 33.53 20.39
C LEU E 199 15.48 32.50 21.47
N GLU E 200 16.75 32.32 21.81
CA GLU E 200 17.12 31.42 22.91
C GLU E 200 16.76 32.03 24.26
N ARG E 206 5.55 32.52 22.57
CA ARG E 206 4.56 33.59 22.37
C ARG E 206 4.51 34.01 20.91
N LEU E 207 5.68 34.01 20.26
CA LEU E 207 5.72 34.25 18.82
C LEU E 207 4.94 33.19 18.05
N PHE E 208 4.85 31.98 18.59
CA PHE E 208 4.04 30.93 17.96
C PHE E 208 2.58 31.36 17.86
N LEU E 209 2.06 32.02 18.90
CA LEU E 209 0.68 32.47 18.86
C LEU E 209 0.46 33.51 17.76
N ALA E 210 1.38 34.46 17.65
CA ALA E 210 1.27 35.48 16.61
C ALA E 210 1.37 34.87 15.21
N LEU E 211 2.30 33.92 15.03
CA LEU E 211 2.43 33.26 13.73
C LEU E 211 1.16 32.49 13.39
N LYS E 212 0.58 31.79 14.38
CA LYS E 212 -0.67 31.07 14.14
C LYS E 212 -1.80 32.02 13.78
N ALA E 213 -1.90 33.15 14.48
CA ALA E 213 -2.93 34.13 14.17
C ALA E 213 -2.77 34.68 12.76
N HIS E 214 -1.52 34.99 12.37
CA HIS E 214 -1.28 35.52 11.04
C HIS E 214 -1.61 34.49 9.97
N ALA E 215 -1.22 33.22 10.19
CA ALA E 215 -1.53 32.18 9.22
C ALA E 215 -3.02 31.96 9.10
N GLU E 216 -3.75 32.02 10.22
CA GLU E 216 -5.19 31.86 10.18
C GLU E 216 -5.86 33.03 9.45
N GLU E 217 -5.36 34.25 9.67
CA GLU E 217 -5.87 35.39 8.94
C GLU E 217 -5.62 35.27 7.44
N ALA E 218 -4.43 34.78 7.06
CA ALA E 218 -4.07 34.72 5.65
C ALA E 218 -4.80 33.59 4.93
N LEU E 219 -4.95 32.42 5.57
CA LEU E 219 -5.40 31.23 4.88
C LEU E 219 -6.64 30.58 5.47
N GLY E 220 -7.03 30.94 6.69
CA GLY E 220 -8.19 30.34 7.31
C GLY E 220 -7.81 29.37 8.41
N PRO E 221 -8.78 28.56 8.86
CA PRO E 221 -8.55 27.70 10.02
C PRO E 221 -7.62 26.55 9.66
N LEU E 222 -7.14 25.87 10.71
CA LEU E 222 -6.21 24.76 10.58
C LEU E 222 -6.85 23.50 11.13
N ARG E 223 -6.75 22.39 10.39
CA ARG E 223 -7.33 21.14 10.84
C ARG E 223 -6.63 20.62 12.08
N SER E 224 -5.31 20.73 12.14
CA SER E 224 -4.53 20.16 13.24
C SER E 224 -4.56 21.03 14.49
N ALA E 225 -5.18 22.20 14.44
CA ALA E 225 -5.16 23.12 15.58
C ALA E 225 -5.86 22.55 16.80
N GLU E 226 -6.69 21.52 16.64
CA GLU E 226 -7.44 20.98 17.76
C GLU E 226 -6.54 20.23 18.74
N ALA E 227 -5.43 19.66 18.25
CA ALA E 227 -4.64 18.75 19.07
C ALA E 227 -4.04 19.46 20.27
N ILE E 228 -3.47 20.64 20.05
CA ILE E 228 -2.79 21.35 21.14
C ILE E 228 -3.83 21.92 22.10
N GLY E 229 -3.59 21.75 23.39
CA GLY E 229 -4.49 22.24 24.40
C GLY E 229 -3.78 22.87 25.59
ZN ZN H . 37.82 -9.07 4.84
ZN ZN I . -20.00 -9.82 24.27
ZN ZN J . -33.81 0.59 -29.45
#